data_9BES
#
_entry.id   9BES
#
_cell.length_a   49.683
_cell.length_b   56.202
_cell.length_c   97.232
_cell.angle_alpha   77.44
_cell.angle_beta   76.06
_cell.angle_gamma   64.03
#
_symmetry.space_group_name_H-M   'P 1'
#
loop_
_entity.id
_entity.type
_entity.pdbx_description
1 polymer 'S1_8A Sulfatase'
2 polymer 'S1_8A Sulfatase'
3 non-polymer beta-D-galactopyranose
4 non-polymer 'CALCIUM ION'
5 non-polymer 1,2-ETHANEDIOL
6 water water
#
loop_
_entity_poly.entity_id
_entity_poly.type
_entity_poly.pdbx_seq_one_letter_code
_entity_poly.pdbx_strand_id
1 'polypeptide(L)'
;MGSSHHHHHHSSGLVPRGSHMASQSASDSDSNKPNIIWLVLEDISLDLSVYGTPEVKTPNLDRLANEGIRYNHAYATAAV
CSTARSAFFTGMHATSIGAQNHRSHLDDGYYLPKNIKMTSQFMREAGYVNLLMGPKQKTDFNFSTTINAFDAQDGEVKYS
GGAYTHAPTDLKLLERPAWQTYIKKYSGQPFFAQINYSETHRTFIADKKNPIDPSKVKIPSYYPDHDITRRDWALYLETI
QTVDQKVGNLFSELEKAGVLENTIVFIFGDHGRAMLRDKQWLYDGGLRVPLIVWGKGIESNQVNNELVSLIDVMPTTLDL
VGLKVPDYVEGHIFLGKNKQKRDYIYAHKDRTDETDDRVRAVRNLRFKYIKNFYPEKPYNDFNAYKHLQYPVLALMESMH
AKKLLTHEQALFFAPNRPQEELYDTFNDPDEVNNLALNKNYEEQLLTMRKELQRWQKATNDQGMIDETPEVKEYWDDFFK
KHYLTQMRLRGLSPKITPDDYLIFWDKFLTEQGK
;
A
2 'polypeptide(L)'
;MGSSHHHHHHSSGLVPRGSHMASQSASDSDSNKPNIIWLVLEDISLDLSVYGTPEVKTPNLDRLANEGIRYNHAYATAAV
(A1AUW)STARSAFFTGMHATSIGAQNHRSHLDDGYYLPKNIKMTSQFMREAGYVNLLMGPKQKTDFNFSTTINAFDAQD
GEVKYSGGAYTHAPTDLKLLERPAWQTYIKKYSGQPFFAQINYSETHRTFIADKKNPIDPSKVKIPSYYPDHDITRRDWA
LYLETIQTVDQKVGNLFSELEKAGVLENTIVFIFGDHGRAMLRDKQWLYDGGLRVPLIVWGKGIESNQVNNELVSLIDVM
PTTLDLVGLKVPDYVEGHIFLGKNKQKRDYIYAHKDRTDETDDRVRAVRNLRFKYIKNFYPEKPYNDFNAYKHLQYPVLA
LMESMHAKKLLTHEQALFFAPNRPQEELYDTFNDPDEVNNLALNKNYEEQLLTMRKELQRWQKATNDQGMIDETPEVKEY
WDDFFKKHYLTQMRLRGLSPKITPDDYLIFWDKFLTEQGK
;
B
#
loop_
_chem_comp.id
_chem_comp.type
_chem_comp.name
_chem_comp.formula
A1AUW non-polymer 2-O-{[(1R,2R)-2-amino-1-hydroxy-3-oxopropoxy]sulfonyl}-beta-D-galactopyranose 'C9 H17 N O11 S'
CA non-polymer 'CALCIUM ION' 'Ca 2'
EDO non-polymer 1,2-ETHANEDIOL 'C2 H6 O2'
GAL D-saccharide, beta linking beta-D-galactopyranose 'C6 H12 O6'
#
# COMPACT_ATOMS: atom_id res chain seq x y z
N PRO A 34 -51.42 -13.38 -0.93
CA PRO A 34 -50.89 -12.13 -1.48
C PRO A 34 -49.40 -12.22 -1.82
N ASN A 35 -49.03 -11.67 -2.98
CA ASN A 35 -47.63 -11.62 -3.33
C ASN A 35 -46.86 -10.76 -2.33
N ILE A 36 -45.58 -11.03 -2.19
CA ILE A 36 -44.69 -10.24 -1.34
C ILE A 36 -43.49 -9.83 -2.18
N ILE A 37 -43.16 -8.54 -2.15
CA ILE A 37 -41.93 -8.04 -2.73
C ILE A 37 -41.10 -7.43 -1.61
N TRP A 38 -39.80 -7.74 -1.59
CA TRP A 38 -38.83 -7.03 -0.78
C TRP A 38 -37.98 -6.22 -1.76
N LEU A 39 -38.22 -4.92 -1.83
CA LEU A 39 -37.45 -4.01 -2.67
C LEU A 39 -36.33 -3.41 -1.83
N VAL A 40 -35.10 -3.83 -2.10
CA VAL A 40 -33.93 -3.53 -1.30
C VAL A 40 -33.07 -2.51 -2.02
N LEU A 41 -32.97 -1.33 -1.43
CA LEU A 41 -32.04 -0.29 -1.85
C LEU A 41 -30.70 -0.51 -1.13
N GLU A 42 -29.61 -0.20 -1.83
CA GLU A 42 -28.26 -0.25 -1.26
C GLU A 42 -27.90 1.06 -0.55
N ASP A 43 -27.16 0.94 0.55
CA ASP A 43 -26.37 2.04 1.14
C ASP A 43 -27.11 3.38 1.17
N ILE A 44 -28.19 3.45 1.94
CA ILE A 44 -28.99 4.66 1.92
C ILE A 44 -29.54 4.94 3.31
N SER A 45 -29.39 6.19 3.75
CA SER A 45 -29.91 6.63 5.04
C SER A 45 -31.32 7.19 4.83
N LEU A 46 -31.83 7.95 5.82
CA LEU A 46 -33.11 8.62 5.67
C LEU A 46 -32.94 9.89 4.84
N ASP A 47 -32.50 9.71 3.61
CA ASP A 47 -32.16 10.84 2.76
C ASP A 47 -33.16 11.03 1.64
N LEU A 48 -34.39 10.56 1.82
CA LEU A 48 -35.47 10.77 0.88
C LEU A 48 -36.17 12.09 1.20
N SER A 49 -36.84 12.65 0.18
CA SER A 49 -37.53 13.91 0.39
C SER A 49 -38.68 13.78 1.40
N VAL A 50 -39.34 12.61 1.44
CA VAL A 50 -40.48 12.45 2.36
C VAL A 50 -40.02 12.35 3.80
N TYR A 51 -38.77 11.96 4.03
CA TYR A 51 -38.15 12.05 5.35
C TYR A 51 -37.64 13.45 5.69
N GLY A 52 -37.85 14.44 4.83
CA GLY A 52 -37.47 15.81 5.13
C GLY A 52 -36.18 16.28 4.49
N THR A 53 -35.54 15.48 3.65
CA THR A 53 -34.22 15.85 3.10
C THR A 53 -34.39 16.96 2.07
N PRO A 54 -33.78 18.12 2.25
CA PRO A 54 -33.88 19.18 1.24
C PRO A 54 -33.22 18.77 -0.07
N GLU A 55 -33.60 19.48 -1.14
CA GLU A 55 -33.04 19.41 -2.49
C GLU A 55 -33.31 18.11 -3.26
N VAL A 56 -33.17 16.94 -2.62
CA VAL A 56 -33.35 15.69 -3.36
C VAL A 56 -34.80 15.55 -3.81
N LYS A 57 -34.99 15.00 -5.03
CA LYS A 57 -36.33 14.75 -5.58
C LYS A 57 -36.57 13.25 -5.63
N THR A 58 -37.47 12.75 -4.79
CA THR A 58 -37.82 11.33 -4.73
C THR A 58 -39.33 11.14 -4.79
N PRO A 59 -40.00 11.64 -5.85
CA PRO A 59 -41.48 11.56 -5.86
C PRO A 59 -42.02 10.14 -5.79
N ASN A 60 -41.43 9.21 -6.53
CA ASN A 60 -41.94 7.85 -6.53
C ASN A 60 -41.87 7.23 -5.14
N LEU A 61 -40.68 7.25 -4.51
CA LEU A 61 -40.55 6.72 -3.16
C LEU A 61 -41.37 7.53 -2.15
N ASP A 62 -41.53 8.84 -2.38
CA ASP A 62 -42.43 9.65 -1.53
C ASP A 62 -43.88 9.24 -1.71
N ARG A 63 -44.31 8.99 -2.95
CA ARG A 63 -45.69 8.56 -3.19
C ARG A 63 -45.97 7.24 -2.47
N LEU A 64 -45.05 6.26 -2.60
CA LEU A 64 -45.25 4.98 -1.93
C LEU A 64 -45.30 5.17 -0.41
N ALA A 65 -44.42 6.00 0.14
CA ALA A 65 -44.46 6.35 1.56
C ALA A 65 -45.85 6.83 1.96
N ASN A 66 -46.39 7.79 1.22
CA ASN A 66 -47.66 8.38 1.60
C ASN A 66 -48.81 7.40 1.37
N GLU A 67 -48.72 6.59 0.32
CA GLU A 67 -49.74 5.58 0.08
C GLU A 67 -49.65 4.40 1.04
N GLY A 68 -48.57 4.27 1.82
CA GLY A 68 -48.41 3.16 2.74
C GLY A 68 -48.07 3.64 4.14
N ILE A 69 -47.17 2.90 4.80
CA ILE A 69 -46.66 3.23 6.13
C ILE A 69 -45.19 3.56 6.00
N ARG A 70 -44.81 4.74 6.48
CA ARG A 70 -43.42 5.13 6.53
C ARG A 70 -42.89 4.93 7.96
N TYR A 71 -41.77 4.24 8.08
CA TYR A 71 -41.17 3.93 9.38
C TYR A 71 -39.98 4.84 9.63
N ASN A 72 -40.02 5.56 10.74
CA ASN A 72 -38.94 6.49 11.05
C ASN A 72 -37.83 5.88 11.90
N HIS A 73 -38.01 4.68 12.44
CA HIS A 73 -37.04 4.10 13.37
C HIS A 73 -36.77 2.65 13.00
N ALA A 74 -36.53 2.39 11.72
CA ALA A 74 -36.06 1.09 11.27
C ALA A 74 -34.54 1.08 11.22
N TYR A 75 -33.93 0.02 11.77
CA TYR A 75 -32.48 -0.08 11.91
C TYR A 75 -31.96 -1.41 11.37
N ALA A 76 -30.93 -1.36 10.55
CA ALA A 76 -30.22 -2.59 10.24
C ALA A 76 -29.51 -3.09 11.51
N THR A 77 -29.20 -4.38 11.52
CA THR A 77 -28.41 -4.97 12.59
C THR A 77 -26.92 -4.87 12.33
N ALA A 78 -26.53 -4.27 11.21
CA ALA A 78 -25.11 -4.07 10.92
C ALA A 78 -25.04 -3.05 9.79
N ALA A 79 -23.84 -2.59 9.49
CA ALA A 79 -23.69 -1.44 8.61
C ALA A 79 -22.95 -1.74 7.30
N VAL A 80 -22.84 -3.02 6.89
CA VAL A 80 -22.32 -3.37 5.58
C VAL A 80 -23.23 -4.44 4.99
N CYS A 81 -23.03 -4.73 3.70
CA CYS A 81 -24.00 -5.47 2.93
C CYS A 81 -24.21 -6.88 3.46
N SER A 82 -23.13 -7.65 3.60
CA SER A 82 -23.29 -9.09 3.85
C SER A 82 -23.86 -9.36 5.23
N THR A 83 -23.42 -8.61 6.22
CA THR A 83 -23.88 -8.88 7.57
C THR A 83 -25.32 -8.41 7.76
N ALA A 84 -25.70 -7.34 7.06
CA ALA A 84 -27.09 -6.88 7.11
C ALA A 84 -28.00 -7.80 6.31
N ARG A 85 -27.51 -8.35 5.19
CA ARG A 85 -28.36 -9.15 4.33
C ARG A 85 -28.48 -10.59 4.84
N SER A 86 -27.39 -11.17 5.37
CA SER A 86 -27.48 -12.45 6.09
C SER A 86 -28.47 -12.35 7.24
N ALA A 87 -28.51 -11.19 7.88
CA ALA A 87 -29.42 -10.96 9.00
C ALA A 87 -30.86 -10.94 8.52
N PHE A 88 -31.19 -10.04 7.58
CA PHE A 88 -32.63 -9.87 7.35
C PHE A 88 -33.22 -11.01 6.53
N PHE A 89 -32.42 -11.72 5.74
CA PHE A 89 -33.01 -12.83 5.03
C PHE A 89 -33.33 -14.00 5.96
N THR A 90 -32.78 -14.01 7.18
CA THR A 90 -33.04 -15.09 8.15
C THR A 90 -33.77 -14.62 9.40
N GLY A 91 -33.90 -13.31 9.63
CA GLY A 91 -34.53 -12.84 10.84
C GLY A 91 -33.68 -13.01 12.07
N MET A 92 -32.38 -13.23 11.90
CA MET A 92 -31.46 -13.43 13.02
C MET A 92 -30.33 -12.42 12.90
N HIS A 93 -29.79 -11.98 14.04
CA HIS A 93 -28.55 -11.19 13.99
C HIS A 93 -27.44 -12.06 13.40
N ALA A 94 -26.61 -11.47 12.53
CA ALA A 94 -25.52 -12.22 11.92
C ALA A 94 -24.64 -12.84 12.99
N THR A 95 -24.40 -12.13 14.08
CA THR A 95 -23.62 -12.70 15.18
C THR A 95 -24.25 -13.97 15.75
N SER A 96 -25.57 -14.12 15.63
CA SER A 96 -26.19 -15.31 16.20
C SER A 96 -26.01 -16.55 15.34
N ILE A 97 -25.73 -16.38 14.05
CA ILE A 97 -25.64 -17.52 13.15
C ILE A 97 -24.24 -17.67 12.59
N GLY A 98 -23.25 -17.01 13.18
CA GLY A 98 -21.89 -17.15 12.72
C GLY A 98 -21.57 -16.42 11.43
N ALA A 99 -22.41 -15.48 10.99
CA ALA A 99 -22.22 -14.79 9.71
C ALA A 99 -21.72 -13.34 9.88
N GLN A 100 -21.12 -13.01 11.04
CA GLN A 100 -20.85 -11.63 11.45
C GLN A 100 -19.62 -11.00 10.79
N ASN A 101 -18.80 -11.75 10.09
CA ASN A 101 -17.58 -11.20 9.50
C ASN A 101 -17.79 -10.97 8.01
N HIS A 102 -17.67 -9.71 7.60
CA HIS A 102 -17.84 -9.28 6.20
C HIS A 102 -16.48 -9.32 5.52
N ARG A 103 -16.28 -10.19 4.51
CA ARG A 103 -17.05 -11.39 4.17
C ARG A 103 -16.48 -12.65 4.85
N SER A 104 -17.29 -13.71 5.02
CA SER A 104 -16.76 -14.92 5.65
C SER A 104 -17.50 -16.16 5.16
N HIS A 105 -16.86 -17.32 5.31
CA HIS A 105 -17.49 -18.64 5.08
C HIS A 105 -18.03 -18.80 3.67
N LEU A 106 -17.42 -18.14 2.68
CA LEU A 106 -17.90 -18.29 1.31
C LEU A 106 -17.66 -19.69 0.76
N ASP A 107 -16.59 -20.37 1.22
CA ASP A 107 -16.19 -21.61 0.54
C ASP A 107 -15.50 -22.55 1.51
N ASP A 108 -15.99 -22.64 2.74
CA ASP A 108 -15.30 -23.44 3.74
C ASP A 108 -16.18 -24.55 4.29
N GLY A 109 -17.28 -24.88 3.63
CA GLY A 109 -18.18 -25.89 4.15
C GLY A 109 -18.99 -25.49 5.38
N TYR A 110 -19.04 -24.21 5.71
CA TYR A 110 -19.92 -23.71 6.76
C TYR A 110 -21.30 -23.42 6.16
N TYR A 111 -22.33 -24.13 6.63
CA TYR A 111 -23.69 -23.92 6.17
C TYR A 111 -24.54 -23.33 7.29
N LEU A 112 -25.70 -22.80 6.91
CA LEU A 112 -26.65 -22.36 7.92
C LEU A 112 -26.97 -23.50 8.88
N PRO A 113 -27.01 -23.23 10.18
CA PRO A 113 -27.56 -24.21 11.12
C PRO A 113 -28.90 -24.75 10.64
N LYS A 114 -29.07 -26.07 10.76
CA LYS A 114 -30.30 -26.72 10.29
C LYS A 114 -31.55 -26.10 10.90
N ASN A 115 -31.46 -25.62 12.15
CA ASN A 115 -32.61 -24.95 12.77
C ASN A 115 -32.85 -23.55 12.22
N ILE A 116 -31.93 -22.97 11.43
CA ILE A 116 -32.13 -21.63 10.89
C ILE A 116 -32.54 -21.77 9.44
N LYS A 117 -33.75 -21.33 9.13
CA LYS A 117 -34.27 -21.38 7.78
C LYS A 117 -34.17 -20.00 7.12
N MET A 118 -33.87 -20.00 5.82
CA MET A 118 -33.93 -18.78 5.03
C MET A 118 -35.38 -18.39 4.79
N THR A 119 -35.60 -17.09 4.57
CA THR A 119 -36.93 -16.58 4.26
C THR A 119 -37.62 -17.41 3.18
N SER A 120 -36.88 -17.83 2.16
CA SER A 120 -37.49 -18.53 1.03
C SER A 120 -37.92 -19.95 1.38
N GLN A 121 -37.30 -20.56 2.39
CA GLN A 121 -37.75 -21.87 2.87
C GLN A 121 -39.11 -21.76 3.53
N PHE A 122 -39.37 -20.67 4.26
CA PHE A 122 -40.72 -20.45 4.79
C PHE A 122 -41.71 -20.16 3.66
N MET A 123 -41.33 -19.29 2.72
CA MET A 123 -42.23 -18.99 1.61
C MET A 123 -42.55 -20.25 0.81
N ARG A 124 -41.56 -21.11 0.60
CA ARG A 124 -41.78 -22.31 -0.21
C ARG A 124 -42.79 -23.23 0.46
N GLU A 125 -42.63 -23.48 1.77
CA GLU A 125 -43.63 -24.24 2.51
C GLU A 125 -45.02 -23.68 2.30
N ALA A 126 -45.16 -22.35 2.36
CA ALA A 126 -46.45 -21.72 2.16
C ALA A 126 -46.95 -21.81 0.73
N GLY A 127 -46.14 -22.29 -0.21
CA GLY A 127 -46.53 -22.36 -1.59
C GLY A 127 -46.08 -21.21 -2.48
N TYR A 128 -45.14 -20.39 -2.04
CA TYR A 128 -44.62 -19.33 -2.90
C TYR A 128 -43.53 -19.89 -3.80
N VAL A 129 -43.39 -19.27 -4.97
CA VAL A 129 -42.17 -19.34 -5.74
C VAL A 129 -41.36 -18.07 -5.47
N ASN A 130 -40.04 -18.24 -5.30
CA ASN A 130 -39.14 -17.21 -4.82
C ASN A 130 -38.22 -16.75 -5.95
N LEU A 131 -38.17 -15.43 -6.16
CA LEU A 131 -37.54 -14.83 -7.33
C LEU A 131 -36.51 -13.78 -6.92
N LEU A 132 -35.36 -13.79 -7.57
CA LEU A 132 -34.26 -12.86 -7.30
C LEU A 132 -34.15 -11.96 -8.51
N MET A 133 -34.58 -10.72 -8.36
CA MET A 133 -34.71 -9.77 -9.45
C MET A 133 -33.88 -8.52 -9.13
N GLY A 134 -33.87 -7.58 -10.07
CA GLY A 134 -33.10 -6.38 -9.91
C GLY A 134 -31.70 -6.53 -10.44
N PRO A 135 -31.05 -5.40 -10.73
CA PRO A 135 -29.72 -5.45 -11.36
C PRO A 135 -28.63 -6.12 -10.54
N LYS A 136 -28.81 -6.28 -9.22
CA LYS A 136 -27.78 -6.91 -8.40
C LYS A 136 -27.52 -8.36 -8.78
N GLN A 137 -28.39 -9.26 -8.34
CA GLN A 137 -28.25 -10.71 -8.48
C GLN A 137 -27.22 -11.28 -7.51
N LYS A 138 -27.12 -10.69 -6.32
CA LYS A 138 -26.22 -11.18 -5.29
C LYS A 138 -27.00 -11.40 -4.00
N THR A 139 -26.56 -12.39 -3.23
CA THR A 139 -27.16 -12.65 -1.94
C THR A 139 -26.30 -12.15 -0.78
N ASP A 140 -24.98 -12.13 -0.97
CA ASP A 140 -24.04 -11.58 0.00
C ASP A 140 -24.17 -12.28 1.37
N PHE A 141 -24.33 -13.61 1.35
CA PHE A 141 -24.40 -14.36 2.59
C PHE A 141 -22.99 -14.68 3.08
N ASN A 142 -22.81 -14.66 4.39
CA ASN A 142 -21.56 -15.12 4.98
C ASN A 142 -21.70 -16.57 5.44
N PHE A 143 -22.10 -17.41 4.49
CA PHE A 143 -22.30 -18.84 4.66
C PHE A 143 -22.70 -19.38 3.30
N SER A 144 -22.54 -20.69 3.13
CA SER A 144 -23.08 -21.37 1.96
C SER A 144 -24.40 -22.05 2.33
N THR A 145 -25.22 -22.32 1.30
CA THR A 145 -26.45 -23.07 1.50
C THR A 145 -26.42 -24.33 0.64
N THR A 146 -27.17 -25.33 1.09
CA THR A 146 -27.34 -26.58 0.37
C THR A 146 -28.68 -26.62 -0.37
N ILE A 147 -29.56 -25.67 -0.10
CA ILE A 147 -30.80 -25.49 -0.84
C ILE A 147 -30.75 -24.09 -1.45
N ASN A 148 -31.26 -23.95 -2.68
CA ASN A 148 -31.14 -22.66 -3.36
C ASN A 148 -31.95 -21.60 -2.64
N ALA A 149 -31.35 -20.41 -2.50
CA ALA A 149 -32.06 -19.32 -1.84
C ALA A 149 -33.29 -18.89 -2.65
N PHE A 150 -33.23 -18.99 -3.98
CA PHE A 150 -34.33 -18.58 -4.84
C PHE A 150 -34.62 -19.65 -5.87
N ASP A 151 -35.87 -19.68 -6.36
CA ASP A 151 -36.28 -20.65 -7.36
C ASP A 151 -35.94 -20.19 -8.77
N ALA A 152 -35.90 -18.89 -9.02
CA ALA A 152 -35.55 -18.36 -10.33
C ALA A 152 -34.84 -17.04 -10.12
N GLN A 153 -33.89 -16.74 -11.01
CA GLN A 153 -33.17 -15.46 -10.93
C GLN A 153 -32.76 -15.03 -12.34
N ASP A 154 -32.32 -13.76 -12.43
CA ASP A 154 -31.94 -13.21 -13.74
C ASP A 154 -30.60 -13.77 -14.21
N GLY A 155 -29.67 -13.97 -13.28
CA GLY A 155 -28.33 -14.43 -13.60
C GLY A 155 -27.32 -13.29 -13.61
N TYR A 159 -19.85 -12.47 -6.55
CA TYR A 159 -19.14 -11.61 -5.61
C TYR A 159 -19.31 -10.14 -6.01
N SER A 160 -20.03 -9.37 -5.19
CA SER A 160 -20.36 -7.97 -5.49
C SER A 160 -19.46 -6.99 -4.74
N GLY A 161 -18.13 -7.22 -4.74
CA GLY A 161 -17.19 -6.31 -4.12
C GLY A 161 -16.72 -5.19 -5.05
N GLY A 162 -16.08 -4.17 -4.46
CA GLY A 162 -15.58 -3.04 -5.23
C GLY A 162 -16.61 -1.96 -5.49
N ALA A 163 -16.39 -1.22 -6.58
CA ALA A 163 -17.24 -0.11 -6.97
C ALA A 163 -18.21 -0.53 -8.07
N TYR A 164 -19.45 -0.08 -7.96
CA TYR A 164 -20.51 -0.45 -8.90
C TYR A 164 -20.66 0.63 -9.99
N THR A 165 -21.25 0.22 -11.11
CA THR A 165 -21.60 1.12 -12.22
C THR A 165 -23.10 1.06 -12.43
N HIS A 166 -23.79 2.15 -12.11
CA HIS A 166 -25.25 2.16 -12.14
C HIS A 166 -25.76 2.26 -13.58
N ALA A 167 -26.53 1.24 -14.00
CA ALA A 167 -27.08 1.17 -15.34
C ALA A 167 -28.11 2.29 -15.56
N PRO A 168 -28.42 2.60 -16.82
CA PRO A 168 -29.46 3.60 -17.11
C PRO A 168 -30.85 3.19 -16.62
N THR A 169 -31.72 4.18 -16.50
CA THR A 169 -33.09 3.98 -16.03
C THR A 169 -33.99 3.37 -17.09
N ASP A 170 -33.43 2.67 -18.07
CA ASP A 170 -34.20 1.91 -19.04
C ASP A 170 -34.25 0.43 -18.70
N LEU A 171 -33.97 0.07 -17.45
CA LEU A 171 -34.09 -1.31 -17.00
C LEU A 171 -35.56 -1.75 -17.04
N LYS A 172 -35.79 -2.91 -17.63
CA LYS A 172 -37.11 -3.54 -17.73
C LYS A 172 -37.01 -4.85 -16.96
N LEU A 173 -37.16 -4.75 -15.63
CA LEU A 173 -36.83 -5.90 -14.78
C LEU A 173 -37.70 -7.09 -15.11
N LEU A 174 -38.96 -6.85 -15.49
CA LEU A 174 -39.88 -7.95 -15.74
C LEU A 174 -39.60 -8.68 -17.04
N GLU A 175 -38.78 -8.13 -17.92
CA GLU A 175 -38.40 -8.83 -19.13
C GLU A 175 -37.15 -9.67 -18.97
N ARG A 176 -36.63 -9.77 -17.75
CA ARG A 176 -35.43 -10.52 -17.46
C ARG A 176 -35.79 -11.94 -17.01
N PRO A 177 -34.82 -12.86 -16.95
CA PRO A 177 -35.17 -14.29 -16.87
C PRO A 177 -35.93 -14.73 -15.61
N ALA A 178 -35.88 -13.99 -14.50
CA ALA A 178 -36.56 -14.48 -13.30
C ALA A 178 -38.05 -14.32 -13.44
N TRP A 179 -38.50 -13.13 -13.85
CA TRP A 179 -39.93 -12.90 -14.06
C TRP A 179 -40.45 -13.68 -15.27
N GLN A 180 -39.65 -13.79 -16.32
CA GLN A 180 -40.10 -14.57 -17.48
C GLN A 180 -40.28 -16.04 -17.11
N THR A 181 -39.36 -16.58 -16.30
CA THR A 181 -39.55 -17.92 -15.76
C THR A 181 -40.82 -18.01 -14.92
N TYR A 182 -41.06 -17.02 -14.06
CA TYR A 182 -42.21 -17.07 -13.17
C TYR A 182 -43.50 -17.25 -13.97
N ILE A 183 -43.73 -16.36 -14.94
CA ILE A 183 -45.01 -16.39 -15.66
C ILE A 183 -45.10 -17.57 -16.61
N LYS A 184 -43.97 -18.04 -17.13
CA LYS A 184 -44.00 -19.14 -18.09
C LYS A 184 -44.25 -20.48 -17.40
N LYS A 185 -43.67 -20.69 -16.21
CA LYS A 185 -43.71 -21.98 -15.54
C LYS A 185 -44.41 -21.98 -14.18
N TYR A 186 -44.68 -20.82 -13.57
CA TYR A 186 -45.23 -20.79 -12.21
C TYR A 186 -46.46 -19.89 -12.11
N SER A 187 -47.22 -19.74 -13.19
CA SER A 187 -48.53 -19.14 -13.04
C SER A 187 -49.35 -19.97 -12.06
N GLY A 188 -50.28 -19.33 -11.37
CA GLY A 188 -51.07 -20.00 -10.36
C GLY A 188 -50.53 -19.88 -8.96
N GLN A 189 -49.24 -19.57 -8.80
CA GLN A 189 -48.66 -19.42 -7.48
C GLN A 189 -48.30 -17.97 -7.21
N PRO A 190 -48.47 -17.50 -5.98
CA PRO A 190 -47.99 -16.17 -5.64
C PRO A 190 -46.47 -16.20 -5.56
N PHE A 191 -45.86 -15.03 -5.72
CA PHE A 191 -44.42 -14.96 -5.71
C PHE A 191 -43.95 -14.24 -4.46
N PHE A 192 -42.72 -14.57 -4.05
CA PHE A 192 -41.92 -13.73 -3.18
C PHE A 192 -40.74 -13.27 -4.03
N ALA A 193 -40.60 -11.95 -4.19
CA ALA A 193 -39.55 -11.39 -5.02
C ALA A 193 -38.69 -10.47 -4.18
N GLN A 194 -37.39 -10.73 -4.19
CA GLN A 194 -36.42 -9.80 -3.65
C GLN A 194 -35.80 -9.07 -4.83
N ILE A 195 -35.88 -7.73 -4.81
CA ILE A 195 -35.52 -6.88 -5.94
C ILE A 195 -34.42 -5.97 -5.44
N ASN A 196 -33.17 -6.29 -5.79
CA ASN A 196 -31.99 -5.58 -5.29
C ASN A 196 -31.56 -4.53 -6.31
N TYR A 197 -31.57 -3.26 -5.91
CA TYR A 197 -30.99 -2.26 -6.78
C TYR A 197 -29.52 -2.06 -6.43
N SER A 198 -28.76 -1.53 -7.40
CA SER A 198 -27.36 -1.24 -7.14
C SER A 198 -27.17 0.11 -6.43
N GLU A 199 -28.02 1.08 -6.74
CA GLU A 199 -28.01 2.33 -5.98
C GLU A 199 -28.40 2.04 -4.53
N THR A 200 -27.84 2.84 -3.60
CA THR A 200 -27.00 3.97 -3.90
C THR A 200 -25.53 3.72 -3.50
N HIS A 201 -25.05 2.52 -3.84
CA HIS A 201 -23.66 2.13 -3.70
C HIS A 201 -22.78 3.03 -4.57
N ARG A 202 -21.54 3.27 -4.11
CA ARG A 202 -20.55 3.91 -4.98
C ARG A 202 -20.15 2.93 -6.09
N THR A 203 -19.80 3.45 -7.27
CA THR A 203 -19.64 4.86 -7.64
C THR A 203 -20.95 5.61 -7.89
N PHE A 204 -21.05 6.81 -7.30
CA PHE A 204 -22.22 7.64 -7.47
C PHE A 204 -22.32 8.08 -8.93
N ILE A 205 -23.53 8.44 -9.36
CA ILE A 205 -23.78 8.79 -10.75
C ILE A 205 -24.60 10.09 -10.81
N ALA A 206 -24.20 10.97 -11.72
CA ALA A 206 -24.90 12.23 -11.87
C ALA A 206 -26.30 12.02 -12.44
N ASP A 207 -27.22 12.89 -12.05
CA ASP A 207 -28.57 12.94 -12.62
C ASP A 207 -28.71 14.30 -13.26
N LYS A 208 -28.68 14.34 -14.60
CA LYS A 208 -28.70 15.60 -15.31
C LYS A 208 -30.11 16.13 -15.58
N LYS A 209 -31.15 15.36 -15.28
CA LYS A 209 -32.51 15.90 -15.43
C LYS A 209 -32.85 16.85 -14.29
N ASN A 210 -32.45 16.50 -13.07
CA ASN A 210 -32.62 17.34 -11.88
C ASN A 210 -31.30 17.35 -11.12
N PRO A 211 -30.30 18.08 -11.61
CA PRO A 211 -29.02 18.14 -10.90
C PRO A 211 -29.16 18.95 -9.61
N ILE A 212 -28.39 18.53 -8.59
CA ILE A 212 -28.48 19.10 -7.24
C ILE A 212 -27.38 20.13 -7.06
N ASP A 213 -27.73 21.26 -6.44
CA ASP A 213 -26.74 22.29 -6.14
C ASP A 213 -25.97 21.93 -4.88
N PRO A 214 -24.65 21.71 -4.96
CA PRO A 214 -23.89 21.29 -3.77
C PRO A 214 -23.93 22.31 -2.62
N SER A 215 -24.08 23.61 -2.91
CA SER A 215 -24.15 24.60 -1.84
C SER A 215 -25.45 24.53 -1.04
N LYS A 216 -26.39 23.70 -1.43
CA LYS A 216 -27.69 23.64 -0.76
C LYS A 216 -27.96 22.33 -0.06
N VAL A 217 -27.11 21.32 -0.21
CA VAL A 217 -27.35 20.07 0.50
C VAL A 217 -27.09 20.28 2.00
N LYS A 218 -27.78 19.47 2.79
CA LYS A 218 -27.59 19.46 4.24
C LYS A 218 -26.55 18.40 4.57
N ILE A 219 -25.49 18.81 5.24
CA ILE A 219 -24.37 17.93 5.59
C ILE A 219 -24.37 17.75 7.10
N PRO A 220 -24.28 16.52 7.60
CA PRO A 220 -24.08 16.32 9.04
C PRO A 220 -22.85 17.04 9.55
N SER A 221 -22.84 17.28 10.85
CA SER A 221 -21.77 18.05 11.49
C SER A 221 -20.43 17.30 11.53
N TYR A 222 -20.43 15.98 11.47
CA TYR A 222 -19.15 15.28 11.56
C TYR A 222 -18.41 15.17 10.23
N TYR A 223 -18.93 15.79 9.14
CA TYR A 223 -18.14 15.97 7.92
C TYR A 223 -17.86 17.46 7.70
N PRO A 224 -16.69 17.80 7.14
CA PRO A 224 -16.36 19.22 6.93
C PRO A 224 -17.31 19.88 5.94
N ASP A 225 -17.66 21.13 6.24
CA ASP A 225 -18.46 21.96 5.33
C ASP A 225 -17.50 22.48 4.26
N HIS A 226 -17.29 21.63 3.25
CA HIS A 226 -16.25 21.82 2.25
C HIS A 226 -16.82 21.50 0.87
N ASP A 227 -16.18 22.05 -0.18
CA ASP A 227 -16.63 21.79 -1.55
C ASP A 227 -16.52 20.31 -1.91
N ILE A 228 -15.49 19.64 -1.41
CA ILE A 228 -15.31 18.22 -1.68
C ILE A 228 -16.47 17.42 -1.09
N THR A 229 -16.78 17.66 0.19
CA THR A 229 -17.92 17.01 0.83
C THR A 229 -19.21 17.27 0.07
N ARG A 230 -19.48 18.53 -0.28
CA ARG A 230 -20.78 18.88 -0.87
C ARG A 230 -20.93 18.32 -2.28
N ARG A 231 -19.85 18.28 -3.07
CA ARG A 231 -19.94 17.71 -4.41
C ARG A 231 -20.17 16.20 -4.34
N ASP A 232 -19.39 15.49 -3.50
CA ASP A 232 -19.61 14.08 -3.23
C ASP A 232 -21.05 13.83 -2.74
N TRP A 233 -21.56 14.73 -1.91
CA TRP A 233 -22.89 14.55 -1.33
C TRP A 233 -23.98 14.77 -2.37
N ALA A 234 -23.86 15.82 -3.18
CA ALA A 234 -24.82 16.01 -4.27
C ALA A 234 -24.87 14.78 -5.18
N LEU A 235 -23.71 14.24 -5.54
CA LEU A 235 -23.70 13.06 -6.38
C LEU A 235 -24.39 11.90 -5.70
N TYR A 236 -24.21 11.77 -4.39
CA TYR A 236 -24.91 10.75 -3.63
C TYR A 236 -26.42 10.94 -3.72
N LEU A 237 -26.90 12.16 -3.46
CA LEU A 237 -28.33 12.42 -3.55
C LEU A 237 -28.83 12.19 -4.98
N GLU A 238 -28.08 12.66 -5.98
CA GLU A 238 -28.49 12.43 -7.36
C GLU A 238 -28.57 10.94 -7.68
N THR A 239 -27.79 10.12 -6.98
CA THR A 239 -27.93 8.68 -7.15
C THR A 239 -29.26 8.19 -6.57
N ILE A 240 -29.70 8.75 -5.44
CA ILE A 240 -31.03 8.44 -4.89
C ILE A 240 -32.11 8.78 -5.91
N GLN A 241 -32.00 9.94 -6.56
CA GLN A 241 -32.98 10.31 -7.59
C GLN A 241 -32.97 9.29 -8.72
N THR A 242 -31.80 8.78 -9.08
CA THR A 242 -31.73 7.80 -10.18
C THR A 242 -32.49 6.53 -9.81
N VAL A 243 -32.23 5.97 -8.61
CA VAL A 243 -32.98 4.77 -8.21
C VAL A 243 -34.45 5.10 -7.96
N ASP A 244 -34.77 6.34 -7.55
CA ASP A 244 -36.18 6.70 -7.44
C ASP A 244 -36.89 6.60 -8.78
N GLN A 245 -36.24 7.06 -9.86
CA GLN A 245 -36.83 6.93 -11.19
C GLN A 245 -37.03 5.46 -11.54
N LYS A 246 -36.10 4.61 -11.09
CA LYS A 246 -36.19 3.19 -11.45
C LYS A 246 -37.31 2.52 -10.68
N VAL A 247 -37.61 3.00 -9.48
CA VAL A 247 -38.69 2.47 -8.68
C VAL A 247 -40.03 2.81 -9.33
N GLY A 248 -40.20 4.05 -9.80
CA GLY A 248 -41.40 4.39 -10.54
C GLY A 248 -41.56 3.57 -11.80
N ASN A 249 -40.43 3.21 -12.44
CA ASN A 249 -40.47 2.37 -13.63
C ASN A 249 -40.88 0.95 -13.28
N LEU A 250 -40.33 0.41 -12.19
CA LEU A 250 -40.73 -0.91 -11.74
C LEU A 250 -42.22 -0.97 -11.40
N PHE A 251 -42.74 0.08 -10.74
CA PHE A 251 -44.14 0.02 -10.34
C PHE A 251 -45.07 0.24 -11.53
N SER A 252 -44.66 1.01 -12.52
CA SER A 252 -45.45 1.08 -13.74
C SER A 252 -45.45 -0.26 -14.47
N GLU A 253 -44.30 -0.96 -14.47
CA GLU A 253 -44.26 -2.31 -15.05
C GLU A 253 -45.16 -3.26 -14.28
N LEU A 254 -45.09 -3.19 -12.95
CA LEU A 254 -45.88 -4.09 -12.11
C LEU A 254 -47.36 -3.88 -12.30
N GLU A 255 -47.80 -2.62 -12.35
CA GLU A 255 -49.21 -2.33 -12.58
C GLU A 255 -49.68 -2.94 -13.90
N LYS A 256 -48.96 -2.65 -14.99
CA LYS A 256 -49.26 -3.26 -16.29
C LYS A 256 -49.29 -4.78 -16.22
N ALA A 257 -48.39 -5.38 -15.43
CA ALA A 257 -48.45 -6.84 -15.31
C ALA A 257 -49.71 -7.30 -14.59
N GLY A 258 -50.46 -6.39 -13.99
CA GLY A 258 -51.69 -6.77 -13.32
C GLY A 258 -51.51 -7.50 -12.02
N VAL A 259 -50.39 -7.31 -11.32
CA VAL A 259 -50.13 -8.05 -10.09
C VAL A 259 -50.11 -7.19 -8.84
N LEU A 260 -50.22 -5.86 -8.95
CA LEU A 260 -50.03 -5.03 -7.78
C LEU A 260 -51.15 -5.17 -6.75
N GLU A 261 -52.37 -5.47 -7.20
CA GLU A 261 -53.53 -5.51 -6.30
C GLU A 261 -53.41 -6.58 -5.22
N ASN A 262 -52.64 -7.65 -5.47
CA ASN A 262 -52.53 -8.74 -4.53
C ASN A 262 -51.11 -8.86 -4.01
N THR A 263 -50.44 -7.73 -3.80
CA THR A 263 -49.04 -7.72 -3.41
C THR A 263 -48.80 -6.71 -2.28
N ILE A 264 -48.00 -7.11 -1.30
CA ILE A 264 -47.48 -6.20 -0.28
C ILE A 264 -45.99 -6.01 -0.55
N VAL A 265 -45.56 -4.76 -0.55
CA VAL A 265 -44.18 -4.41 -0.87
C VAL A 265 -43.55 -3.81 0.38
N PHE A 266 -42.35 -4.32 0.73
CA PHE A 266 -41.47 -3.72 1.72
C PHE A 266 -40.31 -3.08 0.97
N ILE A 267 -40.18 -1.75 1.08
CA ILE A 267 -39.06 -1.03 0.48
C ILE A 267 -38.15 -0.61 1.63
N PHE A 268 -36.91 -1.11 1.63
CA PHE A 268 -35.97 -0.77 2.69
C PHE A 268 -34.52 -0.81 2.20
N GLY A 269 -33.70 0.10 2.73
CA GLY A 269 -32.27 0.02 2.49
C GLY A 269 -31.62 -1.05 3.34
N ASP A 270 -30.48 -1.58 2.86
CA ASP A 270 -29.90 -2.68 3.64
C ASP A 270 -29.11 -2.18 4.82
N HIS A 271 -28.68 -0.92 4.78
CA HIS A 271 -27.95 -0.21 5.84
C HIS A 271 -27.75 1.21 5.29
N GLY A 272 -27.27 2.10 6.17
CA GLY A 272 -27.16 3.52 5.83
C GLY A 272 -26.08 3.86 4.80
N ARG A 273 -26.00 5.17 4.51
CA ARG A 273 -25.36 5.72 3.31
C ARG A 273 -23.87 5.43 3.27
N ALA A 274 -23.32 5.41 2.06
CA ALA A 274 -21.90 5.17 1.80
C ALA A 274 -21.11 6.46 2.01
N MET A 275 -21.03 6.87 3.28
CA MET A 275 -20.20 7.99 3.71
C MET A 275 -19.32 7.53 4.87
N LEU A 276 -18.25 8.31 5.12
CA LEU A 276 -17.10 7.84 5.89
C LEU A 276 -17.46 7.33 7.29
N ARG A 277 -18.29 8.06 8.04
CA ARG A 277 -18.69 7.68 9.39
C ARG A 277 -20.06 7.01 9.43
N ASP A 278 -20.57 6.57 8.29
CA ASP A 278 -21.90 6.00 8.23
C ASP A 278 -21.74 4.53 7.95
N LYS A 279 -21.79 4.09 6.70
CA LYS A 279 -21.44 2.72 6.34
C LYS A 279 -20.27 2.18 7.16
N GLN A 280 -20.42 0.93 7.62
CA GLN A 280 -19.50 0.16 8.47
C GLN A 280 -19.66 0.46 9.95
N TRP A 281 -20.20 1.60 10.32
CA TRP A 281 -20.19 2.03 11.72
C TRP A 281 -21.59 1.97 12.32
N LEU A 282 -21.62 1.94 13.66
CA LEU A 282 -22.85 1.71 14.42
C LEU A 282 -23.57 2.99 14.87
N TYR A 283 -23.17 4.15 14.33
CA TYR A 283 -23.95 5.36 14.52
C TYR A 283 -25.23 5.28 13.67
N ASP A 284 -26.15 6.22 13.92
CA ASP A 284 -27.42 6.18 13.19
C ASP A 284 -27.20 6.29 11.68
N GLY A 285 -26.10 6.92 11.26
CA GLY A 285 -25.83 7.07 9.83
C GLY A 285 -25.68 5.76 9.09
N GLY A 286 -25.05 4.78 9.73
CA GLY A 286 -24.90 3.47 9.12
C GLY A 286 -26.03 2.48 9.40
N LEU A 287 -26.82 2.70 10.44
CA LEU A 287 -27.86 1.75 10.80
C LEU A 287 -29.27 2.17 10.38
N ARG A 288 -29.61 3.46 10.43
CA ARG A 288 -31.00 3.82 10.19
C ARG A 288 -31.27 3.91 8.69
N VAL A 289 -32.38 3.29 8.29
CA VAL A 289 -32.66 3.05 6.87
C VAL A 289 -34.12 3.39 6.61
N PRO A 290 -34.41 3.83 5.39
CA PRO A 290 -35.81 3.95 4.99
C PRO A 290 -36.50 2.60 5.08
N LEU A 291 -37.75 2.62 5.53
CA LEU A 291 -38.59 1.43 5.50
C LEU A 291 -40.01 1.88 5.19
N ILE A 292 -40.55 1.40 4.07
CA ILE A 292 -41.94 1.64 3.67
C ILE A 292 -42.61 0.29 3.47
N VAL A 293 -43.84 0.15 3.98
CA VAL A 293 -44.71 -0.97 3.65
C VAL A 293 -45.88 -0.45 2.83
N TRP A 294 -46.26 -1.20 1.78
CA TRP A 294 -47.22 -0.71 0.81
C TRP A 294 -48.00 -1.89 0.23
N GLY A 295 -49.29 -1.67 -0.09
CA GLY A 295 -50.04 -2.59 -0.93
C GLY A 295 -51.28 -3.15 -0.24
N LYS A 296 -51.60 -4.42 -0.59
CA LYS A 296 -52.88 -5.03 -0.21
C LYS A 296 -53.09 -5.00 1.31
N GLY A 297 -54.26 -4.53 1.73
CA GLY A 297 -54.58 -4.41 3.14
C GLY A 297 -53.78 -3.39 3.93
N ILE A 298 -52.94 -2.58 3.28
CA ILE A 298 -52.11 -1.58 3.96
C ILE A 298 -52.77 -0.22 3.78
N GLU A 299 -53.30 0.34 4.86
CA GLU A 299 -53.95 1.64 4.77
C GLU A 299 -52.93 2.76 4.66
N SER A 300 -53.32 3.83 3.97
CA SER A 300 -52.38 4.85 3.55
C SER A 300 -52.17 5.91 4.64
N ASN A 301 -51.23 6.83 4.36
CA ASN A 301 -50.93 8.01 5.19
C ASN A 301 -50.51 7.64 6.62
N GLN A 302 -49.87 6.49 6.81
CA GLN A 302 -49.47 6.06 8.13
C GLN A 302 -47.98 6.31 8.33
N VAL A 303 -47.64 6.88 9.48
CA VAL A 303 -46.26 7.16 9.88
C VAL A 303 -46.03 6.41 11.19
N ASN A 304 -44.94 5.66 11.24
CA ASN A 304 -44.67 4.77 12.35
C ASN A 304 -43.36 5.17 13.02
N ASN A 305 -43.40 5.34 14.35
CA ASN A 305 -42.26 5.81 15.11
C ASN A 305 -41.79 4.77 16.12
N GLU A 306 -42.17 3.51 15.94
CA GLU A 306 -41.74 2.46 16.84
C GLU A 306 -40.40 1.88 16.38
N LEU A 307 -39.65 1.32 17.33
CA LEU A 307 -38.38 0.68 17.01
C LEU A 307 -38.63 -0.55 16.14
N VAL A 308 -37.94 -0.61 15.00
CA VAL A 308 -38.02 -1.72 14.06
C VAL A 308 -36.59 -2.09 13.66
N SER A 309 -36.27 -3.37 13.70
CA SER A 309 -34.98 -3.87 13.24
C SER A 309 -35.25 -4.66 11.98
N LEU A 310 -34.28 -4.66 11.05
CA LEU A 310 -34.51 -5.35 9.77
C LEU A 310 -34.70 -6.85 9.93
N ILE A 311 -34.24 -7.44 11.03
CA ILE A 311 -34.57 -8.85 11.26
C ILE A 311 -36.06 -9.01 11.54
N ASP A 312 -36.80 -7.90 11.62
CA ASP A 312 -38.25 -7.99 11.83
C ASP A 312 -39.02 -8.22 10.54
N VAL A 313 -38.40 -7.92 9.40
CA VAL A 313 -39.10 -7.99 8.13
C VAL A 313 -39.47 -9.43 7.81
N MET A 314 -38.59 -10.41 8.12
CA MET A 314 -38.97 -11.80 7.83
C MET A 314 -40.19 -12.26 8.63
N PRO A 315 -40.21 -12.20 9.97
CA PRO A 315 -41.38 -12.73 10.66
C PRO A 315 -42.66 -12.00 10.30
N THR A 316 -42.60 -10.67 10.15
CA THR A 316 -43.76 -9.91 9.71
C THR A 316 -44.25 -10.37 8.33
N THR A 317 -43.32 -10.64 7.42
CA THR A 317 -43.70 -11.21 6.12
C THR A 317 -44.35 -12.59 6.29
N LEU A 318 -43.74 -13.45 7.11
CA LEU A 318 -44.32 -14.76 7.40
C LEU A 318 -45.72 -14.66 7.97
N ASP A 319 -45.94 -13.73 8.90
CA ASP A 319 -47.26 -13.56 9.48
C ASP A 319 -48.24 -12.95 8.48
N LEU A 320 -47.77 -12.04 7.62
CA LEU A 320 -48.64 -11.49 6.60
C LEU A 320 -49.19 -12.57 5.68
N VAL A 321 -48.41 -13.62 5.45
CA VAL A 321 -48.83 -14.69 4.56
C VAL A 321 -49.40 -15.87 5.33
N GLY A 322 -49.68 -15.71 6.62
CA GLY A 322 -50.40 -16.72 7.37
C GLY A 322 -49.54 -17.81 7.96
N LEU A 323 -48.24 -17.59 8.08
CA LEU A 323 -47.33 -18.54 8.70
C LEU A 323 -47.07 -18.15 10.16
N LYS A 324 -47.00 -19.15 11.03
CA LYS A 324 -46.50 -18.93 12.37
C LYS A 324 -44.98 -18.79 12.33
N VAL A 325 -44.48 -17.87 13.15
CA VAL A 325 -43.04 -17.62 13.24
C VAL A 325 -42.49 -18.54 14.32
N PRO A 326 -41.51 -19.41 14.01
CA PRO A 326 -40.95 -20.29 15.04
C PRO A 326 -40.37 -19.48 16.19
N ASP A 327 -40.24 -20.15 17.34
CA ASP A 327 -39.80 -19.44 18.55
C ASP A 327 -38.35 -18.97 18.44
N TYR A 328 -37.51 -19.64 17.64
CA TYR A 328 -36.10 -19.29 17.59
C TYR A 328 -35.85 -17.93 16.96
N VAL A 329 -36.75 -17.47 16.09
CA VAL A 329 -36.49 -16.25 15.34
C VAL A 329 -36.30 -15.06 16.28
N GLU A 330 -35.23 -14.31 16.07
CA GLU A 330 -35.01 -13.14 16.93
C GLU A 330 -35.87 -11.96 16.51
N GLY A 331 -36.15 -11.81 15.22
CA GLY A 331 -36.93 -10.66 14.76
C GLY A 331 -38.32 -10.63 15.37
N HIS A 332 -38.87 -9.43 15.45
CA HIS A 332 -40.22 -9.16 15.94
C HIS A 332 -41.19 -8.97 14.77
N ILE A 333 -42.45 -9.36 14.98
CA ILE A 333 -43.53 -9.01 14.07
C ILE A 333 -43.97 -7.59 14.37
N PHE A 334 -43.79 -6.67 13.42
CA PHE A 334 -44.05 -5.25 13.70
C PHE A 334 -45.35 -4.73 13.12
N LEU A 335 -46.20 -5.60 12.58
CA LEU A 335 -47.39 -5.14 11.89
C LEU A 335 -48.48 -6.19 12.02
N GLY A 336 -49.71 -5.73 12.17
CA GLY A 336 -50.86 -6.62 12.23
C GLY A 336 -51.27 -6.96 13.65
N LYS A 337 -52.07 -8.03 13.75
CA LYS A 337 -52.64 -8.48 15.02
C LYS A 337 -51.60 -9.06 15.98
N ASN A 338 -50.47 -9.56 15.47
CA ASN A 338 -49.47 -10.19 16.32
C ASN A 338 -48.27 -9.29 16.57
N LYS A 339 -48.40 -7.99 16.34
CA LYS A 339 -47.37 -6.99 16.61
C LYS A 339 -46.75 -7.19 18.00
N GLN A 340 -45.42 -7.36 18.06
CA GLN A 340 -44.69 -7.49 19.33
C GLN A 340 -43.69 -6.34 19.42
N LYS A 341 -43.93 -5.41 20.34
CA LYS A 341 -43.14 -4.19 20.45
C LYS A 341 -41.70 -4.48 20.88
N ARG A 342 -40.80 -3.57 20.51
CA ARG A 342 -39.39 -3.65 20.85
C ARG A 342 -39.04 -2.67 21.95
N ASP A 343 -38.24 -3.12 22.93
CA ASP A 343 -37.55 -2.22 23.86
C ASP A 343 -36.25 -1.68 23.27
N TYR A 344 -35.60 -2.46 22.41
CA TYR A 344 -34.27 -2.11 21.93
C TYR A 344 -34.08 -2.63 20.51
N ILE A 345 -33.08 -2.06 19.84
CA ILE A 345 -32.49 -2.67 18.65
C ILE A 345 -31.00 -2.86 18.93
N TYR A 346 -30.41 -3.85 18.27
CA TYR A 346 -29.02 -4.17 18.47
C TYR A 346 -28.31 -4.09 17.12
N ALA A 347 -26.97 -3.97 17.18
CA ALA A 347 -26.15 -3.95 15.97
C ALA A 347 -24.72 -4.31 16.32
N HIS A 348 -24.01 -4.85 15.31
CA HIS A 348 -22.67 -5.37 15.51
C HIS A 348 -21.78 -4.94 14.37
N LYS A 349 -20.48 -4.82 14.68
CA LYS A 349 -19.45 -4.60 13.67
C LYS A 349 -18.27 -5.48 14.07
N ASP A 350 -17.95 -6.46 13.25
CA ASP A 350 -16.82 -7.35 13.48
C ASP A 350 -15.78 -7.04 12.38
N ARG A 351 -15.24 -8.03 11.67
CA ARG A 351 -14.28 -7.68 10.61
C ARG A 351 -15.03 -7.19 9.39
N THR A 352 -14.51 -6.13 8.77
CA THR A 352 -15.10 -5.59 7.54
C THR A 352 -14.00 -5.52 6.50
N ASP A 353 -14.06 -6.42 5.51
CA ASP A 353 -12.97 -6.62 4.56
C ASP A 353 -11.73 -7.09 5.31
N GLU A 354 -10.68 -6.27 5.34
CA GLU A 354 -9.44 -6.60 6.05
C GLU A 354 -9.38 -5.99 7.45
N THR A 355 -10.32 -5.13 7.81
CA THR A 355 -10.19 -4.30 8.98
C THR A 355 -10.81 -5.06 10.15
N ASP A 356 -9.98 -5.50 11.09
CA ASP A 356 -10.49 -6.21 12.25
C ASP A 356 -11.05 -5.21 13.26
N ASP A 357 -12.22 -5.53 13.79
CA ASP A 357 -12.82 -4.71 14.83
C ASP A 357 -13.82 -5.57 15.58
N ARG A 358 -14.35 -5.00 16.66
CA ARG A 358 -15.34 -5.70 17.47
C ARG A 358 -16.11 -4.62 18.22
N VAL A 359 -17.32 -4.31 17.72
CA VAL A 359 -18.15 -3.24 18.26
C VAL A 359 -19.57 -3.76 18.33
N ARG A 360 -20.27 -3.37 19.38
CA ARG A 360 -21.68 -3.69 19.56
C ARG A 360 -22.42 -2.40 19.92
N ALA A 361 -23.67 -2.33 19.50
CA ALA A 361 -24.50 -1.20 19.86
C ALA A 361 -25.83 -1.71 20.37
N VAL A 362 -26.44 -0.89 21.22
CA VAL A 362 -27.79 -1.07 21.74
C VAL A 362 -28.46 0.29 21.62
N ARG A 363 -29.71 0.32 21.15
CA ARG A 363 -30.44 1.57 21.00
C ARG A 363 -31.89 1.38 21.40
N ASN A 364 -32.39 2.31 22.19
CA ASN A 364 -33.82 2.45 22.44
C ASN A 364 -34.27 3.66 21.65
N LEU A 365 -35.51 4.09 21.88
CA LEU A 365 -36.01 5.19 21.04
C LEU A 365 -35.17 6.45 21.21
N ARG A 366 -34.46 6.59 22.34
CA ARG A 366 -33.71 7.80 22.61
C ARG A 366 -32.20 7.62 22.64
N PHE A 367 -31.70 6.65 23.39
CA PHE A 367 -30.27 6.56 23.65
C PHE A 367 -29.59 5.49 22.78
N LYS A 368 -28.40 5.83 22.29
CA LYS A 368 -27.52 4.90 21.62
C LYS A 368 -26.38 4.54 22.58
N TYR A 369 -26.18 3.26 22.80
CA TYR A 369 -25.00 2.76 23.48
C TYR A 369 -24.14 2.02 22.47
N ILE A 370 -22.82 2.24 22.55
CA ILE A 370 -21.85 1.61 21.68
C ILE A 370 -20.65 1.18 22.53
N LYS A 371 -20.24 -0.08 22.41
CA LYS A 371 -19.09 -0.59 23.14
C LYS A 371 -18.01 -0.98 22.14
N ASN A 372 -16.86 -0.33 22.23
CA ASN A 372 -15.69 -0.72 21.45
C ASN A 372 -14.87 -1.71 22.27
N PHE A 373 -14.80 -2.95 21.81
CA PHE A 373 -14.09 -4.02 22.50
C PHE A 373 -12.57 -3.94 22.34
N TYR A 374 -12.10 -3.22 21.30
CA TYR A 374 -10.69 -2.97 21.02
C TYR A 374 -10.46 -1.48 21.08
N PRO A 375 -10.48 -0.87 22.27
CA PRO A 375 -10.38 0.59 22.36
C PRO A 375 -9.02 1.12 21.92
N GLU A 376 -7.98 0.28 21.85
CA GLU A 376 -6.70 0.72 21.32
C GLU A 376 -6.69 0.87 19.80
N LYS A 377 -7.72 0.41 19.11
CA LYS A 377 -7.63 0.61 17.67
C LYS A 377 -8.23 1.96 17.29
N PRO A 378 -7.68 2.71 16.33
CA PRO A 378 -8.35 3.95 15.91
C PRO A 378 -9.64 3.65 15.16
N TYR A 379 -10.51 4.66 15.09
CA TYR A 379 -11.65 4.56 14.18
C TYR A 379 -11.18 4.41 12.75
N ASN A 380 -10.22 5.24 12.36
CA ASN A 380 -9.59 5.23 11.05
C ASN A 380 -8.58 4.10 10.85
N ASP A 381 -8.84 2.92 11.40
CA ASP A 381 -8.02 1.76 11.07
C ASP A 381 -8.08 1.53 9.56
N PHE A 382 -6.96 1.11 8.97
CA PHE A 382 -6.89 1.03 7.52
C PHE A 382 -7.98 0.13 6.93
N ASN A 383 -8.71 0.68 5.96
CA ASN A 383 -9.73 -0.02 5.20
C ASN A 383 -9.57 0.45 3.76
N ALA A 384 -9.19 -0.47 2.87
CA ALA A 384 -8.88 -0.09 1.49
C ALA A 384 -10.11 0.46 0.77
N TYR A 385 -11.27 -0.14 1.00
CA TYR A 385 -12.53 0.38 0.45
C TYR A 385 -12.72 1.87 0.78
N LYS A 386 -12.65 2.25 2.06
CA LYS A 386 -12.86 3.66 2.42
C LYS A 386 -11.87 4.57 1.70
N HIS A 387 -10.56 4.24 1.77
CA HIS A 387 -9.54 5.09 1.15
C HIS A 387 -9.68 5.16 -0.36
N LEU A 388 -10.15 4.07 -0.99
CA LEU A 388 -10.27 3.99 -2.44
C LEU A 388 -11.48 4.74 -2.98
N GLN A 389 -12.63 4.69 -2.30
CA GLN A 389 -13.87 5.21 -2.86
CA GLN A 389 -13.87 5.21 -2.88
C GLN A 389 -14.40 6.46 -2.19
N TYR A 390 -13.77 6.94 -1.12
CA TYR A 390 -14.37 8.04 -0.33
C TYR A 390 -13.50 9.29 -0.37
N PRO A 391 -13.81 10.25 -1.24
CA PRO A 391 -13.00 11.47 -1.31
C PRO A 391 -12.89 12.22 0.01
N VAL A 392 -13.95 12.20 0.83
CA VAL A 392 -13.93 12.93 2.09
C VAL A 392 -12.92 12.33 3.08
N LEU A 393 -12.60 11.05 2.95
CA LEU A 393 -11.58 10.48 3.85
C LEU A 393 -10.24 11.16 3.59
N ALA A 394 -9.89 11.35 2.32
CA ALA A 394 -8.67 12.09 2.04
C ALA A 394 -8.79 13.54 2.47
N LEU A 395 -9.95 14.16 2.23
CA LEU A 395 -10.13 15.54 2.67
C LEU A 395 -9.84 15.66 4.16
N MET A 396 -10.46 14.79 4.98
CA MET A 396 -10.36 14.94 6.43
C MET A 396 -8.97 14.58 6.94
N GLU A 397 -8.31 13.60 6.32
CA GLU A 397 -6.92 13.34 6.68
C GLU A 397 -6.05 14.57 6.43
N SER A 398 -6.31 15.31 5.34
CA SER A 398 -5.55 16.53 5.04
C SER A 398 -5.84 17.65 6.05
N MET A 399 -7.13 17.87 6.36
CA MET A 399 -7.47 18.90 7.33
C MET A 399 -7.07 18.49 8.75
N HIS A 400 -7.14 17.21 9.09
CA HIS A 400 -6.66 16.80 10.41
C HIS A 400 -5.17 17.14 10.57
N ALA A 401 -4.35 16.83 9.56
CA ALA A 401 -2.94 17.17 9.62
C ALA A 401 -2.72 18.67 9.77
N LYS A 402 -3.59 19.48 9.19
CA LYS A 402 -3.44 20.92 9.29
C LYS A 402 -4.19 21.49 10.49
N LYS A 403 -4.79 20.63 11.30
CA LYS A 403 -5.57 21.05 12.46
C LYS A 403 -6.72 21.96 12.02
N LEU A 404 -7.37 21.60 10.92
CA LEU A 404 -8.55 22.32 10.44
C LEU A 404 -9.86 21.63 10.74
N LEU A 405 -9.86 20.45 11.35
CA LEU A 405 -11.13 19.82 11.60
C LEU A 405 -11.77 20.48 12.81
N THR A 406 -13.10 20.55 12.80
CA THR A 406 -13.75 20.94 14.04
C THR A 406 -13.65 19.80 15.04
N HIS A 407 -13.97 20.13 16.29
CA HIS A 407 -13.97 19.14 17.35
C HIS A 407 -14.84 17.95 17.00
N GLU A 408 -16.05 18.21 16.46
CA GLU A 408 -16.97 17.14 16.09
C GLU A 408 -16.37 16.26 14.99
N GLN A 409 -15.79 16.88 13.96
CA GLN A 409 -15.24 16.11 12.84
C GLN A 409 -13.96 15.38 13.24
N ALA A 410 -13.17 15.98 14.14
CA ALA A 410 -11.91 15.40 14.56
C ALA A 410 -12.06 14.16 15.44
N LEU A 411 -13.25 13.90 16.00
CA LEU A 411 -13.42 12.77 16.92
C LEU A 411 -13.06 11.44 16.25
N PHE A 412 -13.45 11.29 14.99
CA PHE A 412 -13.15 10.09 14.22
C PHE A 412 -11.65 9.87 14.05
N PHE A 413 -10.84 10.90 14.25
CA PHE A 413 -9.43 10.78 13.94
C PHE A 413 -8.55 10.67 15.18
N ALA A 414 -9.16 10.34 16.33
CA ALA A 414 -8.37 10.05 17.53
C ALA A 414 -7.51 8.82 17.31
N PRO A 415 -6.38 8.71 18.03
CA PRO A 415 -5.54 7.50 17.90
C PRO A 415 -6.14 6.27 18.56
N ASN A 416 -7.08 6.45 19.49
CA ASN A 416 -7.74 5.33 20.12
C ASN A 416 -9.19 5.74 20.40
N ARG A 417 -9.96 4.84 21.02
CA ARG A 417 -11.36 5.10 21.24
C ARG A 417 -11.71 4.91 22.70
N PRO A 418 -12.73 5.61 23.19
CA PRO A 418 -13.30 5.24 24.49
C PRO A 418 -14.01 3.92 24.36
N GLN A 419 -13.98 3.14 25.43
CA GLN A 419 -14.56 1.80 25.36
C GLN A 419 -16.08 1.85 25.24
N GLU A 420 -16.72 2.91 25.75
CA GLU A 420 -18.16 3.03 25.68
C GLU A 420 -18.52 4.41 25.17
N GLU A 421 -19.54 4.47 24.33
CA GLU A 421 -20.08 5.72 23.85
C GLU A 421 -21.57 5.70 24.14
N LEU A 422 -22.11 6.81 24.62
CA LEU A 422 -23.53 6.95 24.94
C LEU A 422 -24.00 8.28 24.38
N TYR A 423 -25.05 8.26 23.57
CA TYR A 423 -25.56 9.49 22.96
C TYR A 423 -27.05 9.63 23.23
N ASP A 424 -27.45 10.86 23.52
CA ASP A 424 -28.85 11.23 23.66
C ASP A 424 -29.33 11.72 22.29
N THR A 425 -29.76 10.78 21.45
CA THR A 425 -30.08 11.15 20.07
C THR A 425 -31.21 12.17 19.96
N PHE A 426 -31.94 12.48 21.05
CA PHE A 426 -32.91 13.57 20.98
C PHE A 426 -32.22 14.92 20.93
N ASN A 427 -31.21 15.12 21.78
CA ASN A 427 -30.45 16.36 21.85
C ASN A 427 -29.24 16.36 20.94
N ASP A 428 -28.85 15.19 20.42
CA ASP A 428 -27.59 15.03 19.69
C ASP A 428 -27.84 14.00 18.57
N PRO A 429 -28.64 14.35 17.57
CA PRO A 429 -28.91 13.37 16.49
C PRO A 429 -27.67 13.01 15.66
N ASP A 430 -26.68 13.89 15.57
CA ASP A 430 -25.46 13.49 14.87
C ASP A 430 -24.53 12.62 15.74
N GLU A 431 -24.92 12.35 16.99
CA GLU A 431 -24.17 11.49 17.89
C GLU A 431 -22.69 11.89 17.96
N VAL A 432 -22.45 13.14 18.34
CA VAL A 432 -21.10 13.65 18.46
C VAL A 432 -20.73 14.02 19.89
N ASN A 433 -21.65 14.02 20.84
CA ASN A 433 -21.37 14.38 22.24
C ASN A 433 -21.48 13.12 23.09
N ASN A 434 -20.35 12.45 23.31
CA ASN A 434 -20.34 11.19 24.04
C ASN A 434 -20.61 11.43 25.52
N LEU A 435 -21.70 10.87 26.05
CA LEU A 435 -22.06 11.08 27.46
C LEU A 435 -21.51 10.02 28.40
N ALA A 436 -20.69 9.09 27.90
CA ALA A 436 -20.29 7.93 28.70
C ALA A 436 -19.50 8.33 29.93
N LEU A 437 -18.81 9.45 29.90
CA LEU A 437 -18.06 9.90 31.08
C LEU A 437 -18.84 10.94 31.88
N ASN A 438 -20.05 11.28 31.45
CA ASN A 438 -20.86 12.26 32.16
C ASN A 438 -21.55 11.56 33.32
N LYS A 439 -21.25 12.01 34.54
CA LYS A 439 -21.91 11.47 35.73
C LYS A 439 -23.42 11.47 35.58
N ASN A 440 -23.98 12.51 34.94
CA ASN A 440 -25.42 12.69 34.88
C ASN A 440 -26.13 11.65 34.04
N TYR A 441 -25.40 10.73 33.40
CA TYR A 441 -25.99 9.69 32.57
C TYR A 441 -25.49 8.31 32.95
N GLU A 442 -24.85 8.18 34.11
CA GLU A 442 -24.29 6.89 34.49
C GLU A 442 -25.37 5.83 34.62
N GLU A 443 -26.54 6.21 35.14
CA GLU A 443 -27.64 5.26 35.30
CA GLU A 443 -27.63 5.24 35.29
C GLU A 443 -28.05 4.69 33.94
N GLN A 444 -28.19 5.55 32.94
CA GLN A 444 -28.53 5.11 31.59
C GLN A 444 -27.42 4.23 31.02
N LEU A 445 -26.17 4.69 31.17
CA LEU A 445 -25.02 3.94 30.71
C LEU A 445 -25.03 2.50 31.22
N LEU A 446 -25.13 2.31 32.54
CA LEU A 446 -25.07 0.98 33.11
C LEU A 446 -26.29 0.13 32.72
N THR A 447 -27.45 0.76 32.55
CA THR A 447 -28.61 0.04 32.04
C THR A 447 -28.32 -0.58 30.68
N MET A 448 -27.80 0.24 29.76
CA MET A 448 -27.58 -0.24 28.41
C MET A 448 -26.39 -1.18 28.36
N ARG A 449 -25.39 -0.95 29.22
CA ARG A 449 -24.26 -1.87 29.27
C ARG A 449 -24.70 -3.25 29.71
N LYS A 450 -25.58 -3.31 30.71
CA LYS A 450 -26.09 -4.60 31.19
C LYS A 450 -26.96 -5.26 30.13
N GLU A 451 -27.78 -4.47 29.43
CA GLU A 451 -28.59 -5.03 28.35
C GLU A 451 -27.72 -5.66 27.27
N LEU A 452 -26.60 -5.03 26.91
CA LEU A 452 -25.70 -5.63 25.92
C LEU A 452 -25.20 -6.98 26.40
N GLN A 453 -24.66 -7.03 27.61
CA GLN A 453 -24.16 -8.29 28.16
C GLN A 453 -25.27 -9.34 28.18
N ARG A 454 -26.48 -8.95 28.59
CA ARG A 454 -27.62 -9.85 28.54
C ARG A 454 -27.83 -10.39 27.13
N TRP A 455 -27.87 -9.49 26.15
CA TRP A 455 -28.15 -9.89 24.78
C TRP A 455 -27.10 -10.88 24.29
N GLN A 456 -25.82 -10.59 24.56
CA GLN A 456 -24.75 -11.45 24.08
C GLN A 456 -24.85 -12.83 24.70
N LYS A 457 -25.13 -12.91 26.01
CA LYS A 457 -25.36 -14.20 26.64
C LYS A 457 -26.59 -14.89 26.03
N ALA A 458 -27.67 -14.14 25.86
CA ALA A 458 -28.89 -14.71 25.31
C ALA A 458 -28.66 -15.30 23.91
N THR A 459 -27.95 -14.57 23.05
CA THR A 459 -27.79 -14.97 21.66
C THR A 459 -26.49 -15.70 21.38
N ASN A 460 -25.67 -15.95 22.40
CA ASN A 460 -24.39 -16.63 22.22
C ASN A 460 -23.59 -16.00 21.08
N ASP A 461 -23.48 -14.67 21.13
CA ASP A 461 -22.80 -13.81 20.15
C ASP A 461 -21.53 -14.47 19.61
N GLN A 462 -21.58 -14.94 18.36
CA GLN A 462 -20.45 -15.65 17.75
C GLN A 462 -19.29 -14.74 17.39
N GLY A 463 -19.47 -13.41 17.47
CA GLY A 463 -18.42 -12.46 17.19
C GLY A 463 -17.47 -12.24 18.33
N MET A 464 -17.73 -12.84 19.48
CA MET A 464 -16.77 -12.88 20.58
C MET A 464 -15.71 -13.95 20.40
N ILE A 465 -15.85 -14.80 19.37
CA ILE A 465 -14.89 -15.86 19.07
C ILE A 465 -14.03 -15.36 17.91
N ASP A 466 -12.71 -15.31 18.12
CA ASP A 466 -11.78 -14.78 17.12
C ASP A 466 -11.77 -15.65 15.87
N GLU A 467 -11.49 -15.02 14.73
CA GLU A 467 -11.28 -15.80 13.53
C GLU A 467 -9.87 -16.37 13.54
N THR A 468 -9.69 -17.46 12.79
CA THR A 468 -8.39 -18.07 12.65
C THR A 468 -7.41 -17.14 11.94
N PRO A 469 -6.11 -17.31 12.20
CA PRO A 469 -5.11 -16.53 11.49
C PRO A 469 -5.18 -16.71 9.98
N GLU A 470 -5.42 -17.95 9.53
CA GLU A 470 -5.55 -18.24 8.11
C GLU A 470 -6.58 -17.34 7.45
N VAL A 471 -7.73 -17.16 8.09
CA VAL A 471 -8.78 -16.34 7.49
C VAL A 471 -8.37 -14.88 7.50
N LYS A 472 -7.91 -14.37 8.66
CA LYS A 472 -7.54 -12.97 8.75
C LYS A 472 -6.40 -12.63 7.79
N GLU A 473 -5.46 -13.56 7.60
CA GLU A 473 -4.34 -13.31 6.70
C GLU A 473 -4.69 -13.51 5.24
N TYR A 474 -5.75 -14.29 4.96
CA TYR A 474 -6.25 -14.32 3.59
C TYR A 474 -6.86 -12.98 3.19
N TRP A 475 -7.68 -12.40 4.07
CA TRP A 475 -8.39 -11.20 3.70
C TRP A 475 -7.51 -9.96 3.80
N ASP A 476 -6.60 -9.94 4.77
CA ASP A 476 -5.68 -8.82 4.88
C ASP A 476 -4.86 -8.67 3.60
N ASP A 477 -4.52 -9.80 2.96
CA ASP A 477 -3.72 -9.80 1.76
C ASP A 477 -4.57 -9.56 0.52
N PHE A 478 -5.75 -10.18 0.46
CA PHE A 478 -6.72 -9.88 -0.59
C PHE A 478 -6.93 -8.38 -0.74
N PHE A 479 -7.15 -7.68 0.38
CA PHE A 479 -7.53 -6.27 0.31
C PHE A 479 -6.34 -5.31 0.34
N LYS A 480 -5.25 -5.68 1.04
CA LYS A 480 -4.02 -4.92 0.90
C LYS A 480 -3.55 -4.91 -0.54
N LYS A 481 -3.74 -6.03 -1.25
CA LYS A 481 -3.44 -6.09 -2.67
C LYS A 481 -4.31 -5.11 -3.46
N HIS A 482 -5.64 -5.25 -3.34
CA HIS A 482 -6.61 -4.38 -4.00
C HIS A 482 -6.22 -2.92 -3.91
N TYR A 483 -5.83 -2.44 -2.72
CA TYR A 483 -5.52 -1.03 -2.56
C TYR A 483 -4.35 -0.60 -3.43
N LEU A 484 -3.19 -1.25 -3.29
CA LEU A 484 -2.03 -0.86 -4.10
C LEU A 484 -2.33 -1.00 -5.59
N THR A 485 -3.04 -2.08 -5.97
CA THR A 485 -3.40 -2.29 -7.37
C THR A 485 -4.21 -1.12 -7.93
N GLN A 486 -5.33 -0.77 -7.28
CA GLN A 486 -6.20 0.30 -7.77
C GLN A 486 -5.51 1.65 -7.73
N MET A 487 -4.64 1.88 -6.74
CA MET A 487 -3.87 3.12 -6.72
C MET A 487 -2.93 3.20 -7.90
N ARG A 488 -2.18 2.12 -8.15
CA ARG A 488 -1.28 2.09 -9.29
C ARG A 488 -2.06 2.21 -10.59
N LEU A 489 -3.16 1.46 -10.73
CA LEU A 489 -4.03 1.61 -11.88
C LEU A 489 -4.44 3.07 -12.08
N ARG A 490 -4.83 3.74 -10.99
CA ARG A 490 -5.20 5.14 -11.06
C ARG A 490 -4.01 6.04 -11.38
N GLY A 491 -2.79 5.55 -11.23
CA GLY A 491 -1.62 6.37 -11.39
C GLY A 491 -1.19 7.06 -10.11
N LEU A 492 -1.40 6.44 -8.95
CA LEU A 492 -1.07 7.04 -7.67
C LEU A 492 -0.19 6.09 -6.86
N SER A 493 0.64 6.68 -6.03
CA SER A 493 1.38 5.91 -5.06
C SER A 493 0.45 5.43 -3.95
N PRO A 494 0.63 4.21 -3.45
CA PRO A 494 -0.14 3.79 -2.26
C PRO A 494 0.20 4.60 -1.02
N LYS A 495 1.32 5.32 -1.04
CA LYS A 495 1.68 6.22 0.04
C LYS A 495 1.31 7.67 -0.24
N ILE A 496 0.35 7.91 -1.15
CA ILE A 496 0.14 9.28 -1.63
C ILE A 496 -0.31 10.17 -0.47
N THR A 497 0.19 11.41 -0.45
CA THR A 497 -0.21 12.31 0.61
C THR A 497 -1.68 12.67 0.44
N PRO A 498 -2.37 13.00 1.54
CA PRO A 498 -3.78 13.40 1.40
C PRO A 498 -3.98 14.54 0.40
N ASP A 499 -3.06 15.49 0.36
CA ASP A 499 -3.24 16.64 -0.52
C ASP A 499 -3.07 16.25 -1.97
N ASP A 500 -2.13 15.34 -2.25
CA ASP A 500 -1.99 14.87 -3.62
C ASP A 500 -3.21 14.03 -4.03
N TYR A 501 -3.73 13.21 -3.12
CA TYR A 501 -4.96 12.45 -3.40
C TYR A 501 -6.14 13.38 -3.68
N LEU A 502 -6.18 14.55 -3.03
CA LEU A 502 -7.28 15.49 -3.25
C LEU A 502 -7.31 16.02 -4.68
N ILE A 503 -6.13 16.25 -5.25
CA ILE A 503 -6.01 16.63 -6.66
C ILE A 503 -6.69 15.60 -7.53
N PHE A 504 -6.42 14.32 -7.25
CA PHE A 504 -7.09 13.23 -7.95
C PHE A 504 -8.58 13.24 -7.69
N TRP A 505 -8.99 13.42 -6.43
CA TRP A 505 -10.42 13.36 -6.12
C TRP A 505 -11.18 14.49 -6.80
N ASP A 506 -10.58 15.68 -6.88
CA ASP A 506 -11.22 16.78 -7.60
C ASP A 506 -11.47 16.42 -9.07
N LYS A 507 -10.52 15.72 -9.70
CA LYS A 507 -10.73 15.31 -11.09
C LYS A 507 -11.76 14.20 -11.19
N PHE A 508 -11.69 13.21 -10.30
CA PHE A 508 -12.69 12.15 -10.22
C PHE A 508 -14.11 12.73 -10.13
N LEU A 509 -14.32 13.69 -9.22
CA LEU A 509 -15.64 14.27 -9.03
C LEU A 509 -16.09 15.06 -10.27
N THR A 510 -15.22 15.90 -10.81
CA THR A 510 -15.55 16.63 -12.03
C THR A 510 -15.94 15.68 -13.15
N GLU A 511 -15.17 14.60 -13.31
CA GLU A 511 -15.49 13.63 -14.35
C GLU A 511 -16.81 12.90 -14.06
N GLN A 512 -17.16 12.72 -12.79
CA GLN A 512 -18.50 12.23 -12.44
C GLN A 512 -19.60 13.21 -12.83
N GLY A 513 -19.33 14.51 -12.76
CA GLY A 513 -20.30 15.51 -13.14
C GLY A 513 -20.71 16.51 -12.06
N LYS A 514 -19.79 16.92 -11.20
CA LYS A 514 -20.15 17.83 -10.11
C LYS A 514 -18.98 18.67 -9.66
N PRO B 34 50.76 -13.62 -9.73
CA PRO B 34 50.13 -12.75 -8.73
C PRO B 34 48.67 -13.08 -8.49
N ASN B 35 48.28 -13.30 -7.23
CA ASN B 35 46.86 -13.42 -6.97
C ASN B 35 46.20 -12.05 -7.03
N ILE B 36 44.90 -12.08 -7.29
CA ILE B 36 44.07 -10.90 -7.35
C ILE B 36 42.95 -11.09 -6.35
N ILE B 37 42.66 -10.04 -5.59
CA ILE B 37 41.48 -9.98 -4.75
C ILE B 37 40.73 -8.69 -5.05
N TRP B 38 39.43 -8.81 -5.33
CA TRP B 38 38.51 -7.69 -5.29
C TRP B 38 37.70 -7.83 -4.01
N LEU B 39 37.99 -6.95 -3.05
CA LEU B 39 37.25 -6.87 -1.80
C LEU B 39 36.17 -5.82 -1.96
N VAL B 40 34.93 -6.25 -2.15
CA VAL B 40 33.82 -5.36 -2.48
C VAL B 40 32.99 -5.10 -1.23
N LEU B 41 32.91 -3.82 -0.84
CA LEU B 41 32.04 -3.37 0.23
C LEU B 41 30.71 -2.90 -0.36
N GLU B 42 29.61 -3.16 0.35
CA GLU B 42 28.27 -2.75 -0.07
C GLU B 42 27.97 -1.32 0.39
N ASP B 43 27.35 -0.53 -0.51
CA ASP B 43 26.65 0.69 -0.15
C ASP B 43 27.48 1.59 0.77
N ILE B 44 28.57 2.15 0.27
CA ILE B 44 29.45 2.94 1.13
C ILE B 44 30.05 4.08 0.30
N SER B 45 30.04 5.28 0.87
CA SER B 45 30.60 6.47 0.25
C SER B 45 32.02 6.69 0.81
N LEU B 46 32.57 7.90 0.64
CA LEU B 46 33.93 8.15 1.14
C LEU B 46 33.84 8.51 2.63
N ASP B 47 33.33 7.55 3.42
CA ASP B 47 33.09 7.79 4.83
C ASP B 47 34.03 6.97 5.72
N LEU B 48 35.25 6.73 5.24
CA LEU B 48 36.30 6.15 6.05
C LEU B 48 37.10 7.26 6.71
N SER B 49 37.75 6.91 7.82
CA SER B 49 38.55 7.92 8.50
C SER B 49 39.69 8.41 7.61
N VAL B 50 40.25 7.53 6.76
CA VAL B 50 41.34 7.97 5.88
C VAL B 50 40.85 8.97 4.85
N TYR B 51 39.55 9.00 4.58
CA TYR B 51 39.01 9.97 3.65
C TYR B 51 38.56 11.24 4.33
N GLY B 52 38.90 11.41 5.61
CA GLY B 52 38.55 12.62 6.33
C GLY B 52 37.24 12.59 7.09
N THR B 53 36.70 11.42 7.38
CA THR B 53 35.38 11.39 8.03
C THR B 53 35.52 11.49 9.55
N PRO B 54 34.85 12.42 10.21
CA PRO B 54 34.92 12.49 11.67
C PRO B 54 34.33 11.27 12.34
N GLU B 55 34.82 11.00 13.56
CA GLU B 55 34.27 10.04 14.52
C GLU B 55 34.51 8.56 14.20
N VAL B 56 34.33 8.16 12.95
CA VAL B 56 34.38 6.74 12.62
C VAL B 56 35.80 6.21 12.80
N LYS B 57 35.91 4.98 13.30
CA LYS B 57 37.20 4.30 13.44
C LYS B 57 37.28 3.26 12.34
N THR B 58 38.17 3.48 11.37
CA THR B 58 38.47 2.48 10.34
C THR B 58 39.98 2.23 10.28
N PRO B 59 40.57 1.73 11.38
CA PRO B 59 42.03 1.55 11.40
C PRO B 59 42.55 0.60 10.34
N ASN B 60 41.84 -0.49 10.06
CA ASN B 60 42.40 -1.48 9.15
C ASN B 60 42.33 -0.99 7.71
N LEU B 61 41.21 -0.36 7.32
CA LEU B 61 41.11 0.10 5.95
C LEU B 61 41.98 1.34 5.71
N ASP B 62 42.09 2.21 6.72
CA ASP B 62 43.00 3.35 6.60
C ASP B 62 44.44 2.88 6.40
N ARG B 63 44.83 1.81 7.11
CA ARG B 63 46.19 1.29 6.99
C ARG B 63 46.42 0.70 5.61
N LEU B 64 45.40 0.01 5.04
CA LEU B 64 45.56 -0.50 3.68
C LEU B 64 45.71 0.66 2.69
N ALA B 65 44.87 1.69 2.83
CA ALA B 65 45.00 2.87 2.00
C ALA B 65 46.38 3.50 2.16
N ASN B 66 46.86 3.62 3.40
CA ASN B 66 48.16 4.28 3.58
C ASN B 66 49.29 3.42 3.05
N GLU B 67 49.14 2.10 3.07
CA GLU B 67 50.18 1.22 2.56
C GLU B 67 50.13 1.05 1.05
N GLY B 68 49.14 1.63 0.37
CA GLY B 68 49.02 1.50 -1.08
C GLY B 68 48.59 2.79 -1.74
N ILE B 69 47.75 2.72 -2.76
CA ILE B 69 47.21 3.90 -3.44
C ILE B 69 45.77 4.12 -2.99
N ARG B 70 45.44 5.34 -2.58
CA ARG B 70 44.07 5.71 -2.25
C ARG B 70 43.51 6.59 -3.36
N TYR B 71 42.35 6.21 -3.89
CA TYR B 71 41.72 6.92 -5.01
C TYR B 71 40.60 7.80 -4.48
N ASN B 72 40.68 9.09 -4.78
CA ASN B 72 39.69 10.07 -4.34
C ASN B 72 38.58 10.30 -5.35
N HIS B 73 38.72 9.80 -6.59
CA HIS B 73 37.75 10.04 -7.64
C HIS B 73 37.38 8.75 -8.36
N ALA B 74 37.01 7.72 -7.58
CA ALA B 74 36.46 6.47 -8.10
C ALA B 74 34.94 6.51 -8.07
N TYR B 75 34.32 6.21 -9.22
CA TYR B 75 32.86 6.28 -9.41
C TYR B 75 32.32 4.97 -10.00
N ALA B 76 31.29 4.42 -9.35
CA ALA B 76 30.52 3.36 -9.98
C ALA B 76 29.78 3.92 -11.21
N THR B 77 29.31 3.03 -12.08
CA THR B 77 28.53 3.42 -13.24
C THR B 77 27.03 3.39 -12.97
N ALA B 78 26.61 3.10 -11.75
CA ALA B 78 25.20 3.14 -11.36
C ALA B 78 25.16 3.05 -9.84
N ALA B 79 23.98 3.30 -9.27
CA ALA B 79 23.90 3.48 -7.83
C ALA B 79 23.12 2.39 -7.11
N VAL B 80 22.98 1.21 -7.70
CA VAL B 80 22.40 0.06 -6.99
C VAL B 80 23.14 -1.17 -7.44
C02 A1AUW B 81 23.86 -3.49 -6.40
C03 A1AUW B 81 23.97 -4.25 -7.71
C06 A1AUW B 81 23.41 -4.43 -5.28
C13 A1AUW B 81 18.86 -3.86 -2.81
C14 A1AUW B 81 18.20 -4.45 -1.58
C17 A1AUW B 81 15.97 -3.91 -2.37
C18 A1AUW B 81 14.68 -4.49 -2.87
C20 A1AUW B 81 16.61 -2.96 -3.39
C22 A1AUW B 81 18.05 -2.65 -3.12
N01 A1AUW B 81 23.00 -2.37 -6.66
O04 A1AUW B 81 25.00 -4.18 -8.43
O07 A1AUW B 81 22.52 -5.38 -5.84
O08 A1AUW B 81 22.85 -3.84 -4.09
O10 A1AUW B 81 21.94 -4.84 -2.57
O11 A1AUW B 81 21.40 -2.53 -3.79
O12 A1AUW B 81 20.31 -3.61 -2.62
O15 A1AUW B 81 18.97 -5.43 -0.99
O16 A1AUW B 81 16.86 -5.00 -1.98
O19 A1AUW B 81 13.98 -5.06 -1.78
O21 A1AUW B 81 16.50 -3.55 -4.70
O23 A1AUW B 81 18.57 -1.96 -4.30
S09 A1AUW B 81 21.35 -4.05 -3.72
N SER B 82 22.94 -4.26 -8.70
CA SER B 82 23.03 -5.22 -9.80
C SER B 82 23.58 -4.57 -11.04
N THR B 83 23.20 -3.31 -11.23
CA THR B 83 23.70 -2.54 -12.35
C THR B 83 25.15 -2.13 -12.13
N ALA B 84 25.52 -1.80 -10.89
CA ALA B 84 26.91 -1.50 -10.60
C ALA B 84 27.79 -2.73 -10.71
N ARG B 85 27.28 -3.89 -10.32
CA ARG B 85 28.08 -5.10 -10.30
C ARG B 85 28.09 -5.83 -11.64
N SER B 86 26.98 -5.79 -12.39
CA SER B 86 27.00 -6.26 -13.76
C SER B 86 28.02 -5.48 -14.57
N ALA B 87 28.21 -4.20 -14.23
CA ALA B 87 29.13 -3.35 -14.95
C ALA B 87 30.57 -3.68 -14.59
N PHE B 88 30.90 -3.74 -13.30
CA PHE B 88 32.33 -3.87 -13.01
C PHE B 88 32.85 -5.29 -13.18
N PHE B 89 31.98 -6.30 -13.26
CA PHE B 89 32.45 -7.65 -13.55
C PHE B 89 32.77 -7.84 -15.03
N THR B 90 32.30 -6.95 -15.90
CA THR B 90 32.51 -7.07 -17.34
C THR B 90 33.31 -5.92 -17.94
N GLY B 91 33.55 -4.84 -17.20
CA GLY B 91 34.17 -3.64 -17.75
C GLY B 91 33.30 -2.89 -18.74
N MET B 92 31.99 -3.11 -18.67
CA MET B 92 31.03 -2.49 -19.57
C MET B 92 29.99 -1.78 -18.73
N HIS B 93 29.55 -0.59 -19.18
CA HIS B 93 28.36 -0.03 -18.57
C HIS B 93 27.20 -0.99 -18.76
N ALA B 94 26.40 -1.18 -17.69
CA ALA B 94 25.28 -2.12 -17.78
C ALA B 94 24.33 -1.78 -18.92
N THR B 95 24.15 -0.49 -19.23
CA THR B 95 23.37 -0.13 -20.41
C THR B 95 23.98 -0.62 -21.71
N SER B 96 25.28 -0.91 -21.75
CA SER B 96 25.84 -1.35 -23.03
C SER B 96 25.61 -2.84 -23.29
N ILE B 97 25.27 -3.59 -22.26
CA ILE B 97 25.08 -5.03 -22.34
C ILE B 97 23.64 -5.44 -22.01
N GLY B 98 22.75 -4.46 -21.87
CA GLY B 98 21.36 -4.76 -21.62
C GLY B 98 21.01 -5.13 -20.21
N ALA B 99 21.89 -4.84 -19.24
CA ALA B 99 21.64 -5.16 -17.84
C ALA B 99 21.30 -3.91 -17.02
N GLN B 100 20.71 -2.88 -17.66
CA GLN B 100 20.51 -1.59 -16.97
C GLN B 100 19.39 -1.62 -15.92
N ASN B 101 18.49 -2.59 -15.94
CA ASN B 101 17.27 -2.53 -15.14
C ASN B 101 17.43 -3.41 -13.90
N HIS B 102 17.30 -2.79 -12.72
CA HIS B 102 17.50 -3.47 -11.44
C HIS B 102 16.14 -3.85 -10.86
N ARG B 103 15.78 -5.14 -10.87
CA ARG B 103 16.50 -6.27 -11.48
C ARG B 103 15.86 -6.73 -12.80
N SER B 104 16.59 -7.51 -13.60
CA SER B 104 16.10 -7.84 -14.93
C SER B 104 16.82 -9.06 -15.51
N HIS B 105 16.19 -9.66 -16.52
CA HIS B 105 16.77 -10.80 -17.27
C HIS B 105 17.27 -11.92 -16.35
N LEU B 106 16.55 -12.12 -15.25
CA LEU B 106 16.94 -13.13 -14.28
C LEU B 106 16.67 -14.55 -14.77
N ASP B 107 15.65 -14.74 -15.60
CA ASP B 107 15.24 -16.10 -15.97
C ASP B 107 14.38 -16.09 -17.21
N ASP B 108 14.83 -15.40 -18.26
CA ASP B 108 14.06 -15.30 -19.49
C ASP B 108 14.90 -15.67 -20.71
N GLY B 109 15.99 -16.42 -20.52
CA GLY B 109 16.84 -16.80 -21.63
C GLY B 109 17.69 -15.68 -22.21
N TYR B 110 17.78 -14.53 -21.55
CA TYR B 110 18.72 -13.50 -21.98
C TYR B 110 20.12 -13.83 -21.43
N TYR B 111 21.11 -13.92 -22.30
CA TYR B 111 22.46 -14.25 -21.85
C TYR B 111 23.38 -13.12 -22.25
N LEU B 112 24.52 -13.04 -21.58
CA LEU B 112 25.56 -12.16 -22.04
C LEU B 112 25.81 -12.40 -23.53
N PRO B 113 25.85 -11.35 -24.35
CA PRO B 113 26.28 -11.52 -25.75
C PRO B 113 27.64 -12.20 -25.82
N LYS B 114 27.82 -13.01 -26.86
CA LYS B 114 29.05 -13.78 -27.03
C LYS B 114 30.30 -12.90 -26.99
N ASN B 115 30.19 -11.66 -27.49
CA ASN B 115 31.33 -10.75 -27.51
C ASN B 115 31.72 -10.21 -26.13
N ILE B 116 30.90 -10.41 -25.09
CA ILE B 116 31.15 -9.86 -23.75
C ILE B 116 31.54 -10.99 -22.81
N LYS B 117 32.80 -10.98 -22.38
CA LYS B 117 33.34 -11.99 -21.47
C LYS B 117 33.33 -11.48 -20.02
N MET B 118 33.00 -12.36 -19.08
CA MET B 118 33.11 -12.02 -17.67
C MET B 118 34.57 -11.99 -17.23
N THR B 119 34.85 -11.20 -16.20
CA THR B 119 36.20 -11.07 -15.65
C THR B 119 36.85 -12.45 -15.53
N SER B 120 36.09 -13.40 -15.00
CA SER B 120 36.64 -14.71 -14.66
C SER B 120 36.91 -15.58 -15.88
N GLN B 121 36.25 -15.33 -17.00
CA GLN B 121 36.64 -16.00 -18.23
C GLN B 121 38.03 -15.57 -18.66
N PHE B 122 38.37 -14.27 -18.49
CA PHE B 122 39.71 -13.77 -18.79
C PHE B 122 40.75 -14.35 -17.84
N MET B 123 40.45 -14.37 -16.54
CA MET B 123 41.43 -14.89 -15.57
C MET B 123 41.61 -16.39 -15.75
N ARG B 124 40.56 -17.08 -16.21
CA ARG B 124 40.68 -18.50 -16.47
C ARG B 124 41.68 -18.76 -17.58
N GLU B 125 41.59 -17.99 -18.67
CA GLU B 125 42.56 -18.11 -19.76
C GLU B 125 43.98 -17.96 -19.24
N ALA B 126 44.22 -16.94 -18.39
CA ALA B 126 45.53 -16.72 -17.77
C ALA B 126 45.86 -17.73 -16.73
N GLY B 127 45.05 -18.78 -16.55
CA GLY B 127 45.36 -19.82 -15.59
C GLY B 127 44.91 -19.61 -14.17
N TYR B 128 44.01 -18.66 -13.92
CA TYR B 128 43.55 -18.46 -12.55
C TYR B 128 42.35 -19.35 -12.26
N VAL B 129 42.21 -19.71 -10.99
CA VAL B 129 40.99 -20.30 -10.46
C VAL B 129 40.23 -19.21 -9.73
N ASN B 130 38.94 -19.12 -10.00
CA ASN B 130 38.12 -18.02 -9.57
C ASN B 130 37.27 -18.43 -8.38
N LEU B 131 37.34 -17.65 -7.30
CA LEU B 131 36.71 -17.97 -6.03
C LEU B 131 35.70 -16.88 -5.67
N LEU B 132 34.52 -17.32 -5.25
CA LEU B 132 33.49 -16.42 -4.75
C LEU B 132 33.42 -16.63 -3.25
N MET B 133 33.85 -15.61 -2.50
CA MET B 133 33.99 -15.69 -1.06
C MET B 133 33.26 -14.51 -0.43
N GLY B 134 33.37 -14.40 0.89
CA GLY B 134 32.64 -13.40 1.62
C GLY B 134 31.28 -13.89 2.06
N PRO B 135 30.71 -13.31 3.11
CA PRO B 135 29.47 -13.86 3.65
C PRO B 135 28.28 -13.75 2.71
N LYS B 136 28.28 -12.79 1.77
CA LYS B 136 27.12 -12.58 0.91
C LYS B 136 26.77 -13.80 0.05
N GLN B 137 27.65 -14.14 -0.90
CA GLN B 137 27.43 -15.20 -1.89
C GLN B 137 26.34 -14.82 -2.87
N LYS B 138 26.56 -13.76 -3.64
CA LYS B 138 25.63 -13.38 -4.68
C LYS B 138 26.45 -12.75 -5.80
N THR B 139 25.89 -12.79 -7.00
CA THR B 139 26.50 -12.11 -8.14
C THR B 139 25.70 -10.89 -8.59
N ASP B 140 24.37 -10.93 -8.46
CA ASP B 140 23.50 -9.80 -8.76
C ASP B 140 23.60 -9.38 -10.22
N PHE B 141 23.77 -10.34 -11.13
CA PHE B 141 23.82 -10.02 -12.55
C PHE B 141 22.41 -9.87 -13.07
N ASN B 142 22.22 -8.89 -13.95
CA ASN B 142 20.96 -8.74 -14.66
C ASN B 142 21.04 -9.42 -16.02
N PHE B 143 21.41 -10.70 -15.97
CA PHE B 143 21.51 -11.59 -17.12
C PHE B 143 21.76 -12.97 -16.55
N SER B 144 21.61 -13.98 -17.41
CA SER B 144 22.03 -15.32 -17.05
C SER B 144 23.34 -15.63 -17.77
N THR B 145 24.04 -16.65 -17.27
CA THR B 145 25.22 -17.20 -17.94
C THR B 145 25.03 -18.69 -18.18
N THR B 146 25.78 -19.17 -19.16
CA THR B 146 25.88 -20.57 -19.54
C THR B 146 27.22 -21.14 -19.14
N ILE B 147 28.10 -20.30 -18.61
CA ILE B 147 29.37 -20.70 -18.01
C ILE B 147 29.38 -20.16 -16.58
N ASN B 148 30.02 -20.89 -15.68
CA ASN B 148 30.01 -20.49 -14.28
C ASN B 148 30.79 -19.20 -14.09
N ALA B 149 30.25 -18.29 -13.27
CA ALA B 149 30.98 -17.06 -12.97
C ALA B 149 32.22 -17.33 -12.10
N PHE B 150 32.18 -18.35 -11.25
CA PHE B 150 33.32 -18.72 -10.43
C PHE B 150 33.48 -20.24 -10.47
N ASP B 151 34.68 -20.69 -10.15
CA ASP B 151 34.97 -22.12 -10.08
C ASP B 151 34.60 -22.71 -8.73
N ALA B 152 34.57 -21.88 -7.68
CA ALA B 152 34.28 -22.34 -6.33
C ALA B 152 33.58 -21.23 -5.58
N GLN B 153 32.62 -21.59 -4.73
CA GLN B 153 31.95 -20.61 -3.90
C GLN B 153 31.55 -21.27 -2.59
N ASP B 154 31.27 -20.43 -1.59
CA ASP B 154 30.84 -20.96 -0.30
C ASP B 154 29.47 -21.62 -0.43
N GLY B 155 28.55 -20.99 -1.16
CA GLY B 155 27.23 -21.56 -1.42
C GLY B 155 26.23 -21.41 -0.30
N TYR B 159 18.90 -15.05 -5.05
CA TYR B 159 18.29 -13.72 -5.02
C TYR B 159 18.53 -13.08 -3.65
N SER B 160 19.03 -11.84 -3.63
CA SER B 160 19.51 -11.19 -2.41
C SER B 160 18.86 -9.83 -2.21
N GLY B 161 17.53 -9.77 -2.29
CA GLY B 161 16.81 -8.56 -1.98
C GLY B 161 16.53 -8.41 -0.50
N GLY B 162 15.91 -7.27 -0.14
CA GLY B 162 15.51 -7.00 1.23
C GLY B 162 16.63 -6.45 2.12
N ALA B 163 16.33 -6.46 3.43
CA ALA B 163 17.26 -6.00 4.46
C ALA B 163 18.21 -7.11 4.88
N TYR B 164 19.49 -6.78 5.01
CA TYR B 164 20.52 -7.75 5.39
C TYR B 164 20.73 -7.76 6.90
N THR B 165 21.12 -8.93 7.41
CA THR B 165 21.53 -9.09 8.80
C THR B 165 23.03 -9.41 8.84
N HIS B 166 23.78 -8.62 9.60
CA HIS B 166 25.23 -8.69 9.61
C HIS B 166 25.69 -9.68 10.68
N ALA B 167 26.34 -10.76 10.24
CA ALA B 167 26.82 -11.81 11.14
C ALA B 167 27.94 -11.28 12.01
N PRO B 168 28.35 -12.05 13.02
CA PRO B 168 29.41 -11.58 13.92
C PRO B 168 30.78 -11.57 13.25
N THR B 169 31.66 -10.74 13.80
CA THR B 169 33.02 -10.53 13.31
C THR B 169 33.96 -11.68 13.64
N ASP B 170 33.42 -12.90 13.77
CA ASP B 170 34.25 -14.09 13.97
C ASP B 170 34.28 -14.95 12.73
N LEU B 171 33.71 -14.46 11.63
CA LEU B 171 33.59 -15.24 10.39
C LEU B 171 34.98 -15.58 9.85
N LYS B 172 35.27 -16.88 9.77
CA LYS B 172 36.54 -17.37 9.27
C LYS B 172 36.37 -17.70 7.79
N LEU B 173 36.48 -16.65 6.97
CA LEU B 173 36.20 -16.79 5.54
C LEU B 173 37.06 -17.87 4.90
N LEU B 174 38.29 -18.05 5.38
CA LEU B 174 39.20 -18.97 4.72
C LEU B 174 38.88 -20.43 5.02
N GLU B 175 38.09 -20.71 6.06
CA GLU B 175 37.69 -22.07 6.41
C GLU B 175 36.33 -22.43 5.84
N ARG B 176 35.84 -21.69 4.87
CA ARG B 176 34.60 -21.95 4.16
C ARG B 176 34.90 -22.65 2.84
N PRO B 177 33.87 -23.23 2.19
CA PRO B 177 34.13 -24.14 1.07
C PRO B 177 34.88 -23.54 -0.12
N ALA B 178 34.72 -22.25 -0.44
CA ALA B 178 35.41 -21.71 -1.60
C ALA B 178 36.92 -21.86 -1.43
N TRP B 179 37.46 -21.26 -0.37
CA TRP B 179 38.90 -21.33 -0.11
C TRP B 179 39.34 -22.76 0.19
N GLN B 180 38.53 -23.54 0.91
CA GLN B 180 38.89 -24.93 1.15
C GLN B 180 39.05 -25.68 -0.17
N THR B 181 38.14 -25.45 -1.12
CA THR B 181 38.24 -26.12 -2.41
C THR B 181 39.53 -25.74 -3.14
N TYR B 182 39.90 -24.46 -3.09
CA TYR B 182 41.07 -23.98 -3.82
C TYR B 182 42.35 -24.63 -3.31
N ILE B 183 42.51 -24.71 -1.98
CA ILE B 183 43.73 -25.24 -1.41
C ILE B 183 43.82 -26.76 -1.58
N LYS B 184 42.68 -27.46 -1.67
CA LYS B 184 42.68 -28.92 -1.69
C LYS B 184 42.64 -29.55 -3.08
N LYS B 185 42.31 -28.77 -4.12
CA LYS B 185 42.16 -29.32 -5.48
C LYS B 185 43.03 -28.63 -6.51
N TYR B 186 43.82 -27.63 -6.13
CA TYR B 186 44.62 -26.88 -7.08
C TYR B 186 46.05 -26.71 -6.58
CA GLY B 188 49.31 -25.00 -7.95
C GLY B 188 49.11 -23.73 -8.77
N GLN B 189 47.90 -23.18 -8.71
CA GLN B 189 47.49 -22.04 -9.53
C GLN B 189 47.20 -20.81 -8.67
N PRO B 190 47.33 -19.61 -9.23
CA PRO B 190 46.93 -18.41 -8.48
C PRO B 190 45.41 -18.28 -8.47
N PHE B 191 44.93 -17.46 -7.54
CA PHE B 191 43.50 -17.24 -7.40
C PHE B 191 43.15 -15.82 -7.81
N PHE B 192 41.99 -15.69 -8.44
CA PHE B 192 41.20 -14.48 -8.45
C PHE B 192 40.05 -14.72 -7.48
N ALA B 193 39.88 -13.82 -6.51
CA ALA B 193 38.85 -13.98 -5.51
C ALA B 193 38.06 -12.69 -5.39
N GLN B 194 36.76 -12.77 -5.63
CA GLN B 194 35.85 -11.72 -5.21
C GLN B 194 35.32 -12.06 -3.82
N ILE B 195 35.43 -11.10 -2.90
CA ILE B 195 35.06 -11.25 -1.50
C ILE B 195 34.02 -10.17 -1.23
N ASN B 196 32.75 -10.59 -1.13
CA ASN B 196 31.63 -9.68 -0.94
C ASN B 196 31.24 -9.65 0.53
N TYR B 197 31.27 -8.46 1.13
CA TYR B 197 30.77 -8.28 2.48
C TYR B 197 29.35 -7.73 2.40
N SER B 198 28.54 -8.05 3.42
CA SER B 198 27.17 -7.56 3.46
C SER B 198 27.10 -6.10 3.90
N GLU B 199 27.97 -5.68 4.81
CA GLU B 199 28.07 -4.26 5.16
C GLU B 199 28.61 -3.46 3.97
N THR B 200 28.12 -2.24 3.81
CA THR B 200 27.34 -1.55 4.82
C THR B 200 25.89 -1.34 4.35
N HIS B 201 25.28 -2.45 3.92
CA HIS B 201 23.87 -2.51 3.56
C HIS B 201 22.99 -2.38 4.81
N ARG B 202 21.77 -1.86 4.62
CA ARG B 202 20.78 -1.93 5.69
C ARG B 202 20.30 -3.38 5.82
N THR B 203 20.00 -3.81 7.04
CA THR B 203 19.96 -3.03 8.29
C THR B 203 21.33 -2.74 8.92
N PHE B 204 21.50 -1.51 9.40
CA PHE B 204 22.71 -1.12 10.09
C PHE B 204 22.80 -1.80 11.45
N ILE B 205 24.03 -2.01 11.93
CA ILE B 205 24.29 -2.70 13.19
C ILE B 205 25.13 -1.82 14.10
N ALA B 206 24.76 -1.74 15.37
CA ALA B 206 25.53 -0.97 16.32
C ALA B 206 26.90 -1.61 16.55
N ASP B 207 27.87 -0.78 16.87
CA ASP B 207 29.20 -1.23 17.26
C ASP B 207 29.40 -0.69 18.67
N LYS B 208 29.28 -1.57 19.66
CA LYS B 208 29.41 -1.09 21.03
C LYS B 208 30.85 -1.02 21.50
N LYS B 209 31.80 -1.57 20.74
CA LYS B 209 33.20 -1.43 21.12
C LYS B 209 33.65 0.02 21.00
N ASN B 210 33.14 0.73 19.99
CA ASN B 210 33.45 2.15 19.79
C ASN B 210 32.18 2.84 19.32
N PRO B 211 31.24 3.08 20.23
CA PRO B 211 29.97 3.69 19.82
C PRO B 211 30.18 5.13 19.40
N ILE B 212 29.32 5.59 18.48
CA ILE B 212 29.47 6.89 17.86
C ILE B 212 28.42 7.86 18.42
N ASP B 213 28.87 9.09 18.70
CA ASP B 213 27.99 10.14 19.22
C ASP B 213 27.22 10.81 18.07
N PRO B 214 25.90 10.61 17.98
CA PRO B 214 25.16 11.21 16.85
C PRO B 214 25.35 12.71 16.74
N SER B 215 25.56 13.40 17.88
CA SER B 215 25.73 14.84 17.86
C SER B 215 27.02 15.29 17.17
N LYS B 216 27.97 14.38 16.93
CA LYS B 216 29.27 14.74 16.39
C LYS B 216 29.50 14.31 14.94
N VAL B 217 28.61 13.53 14.33
CA VAL B 217 28.85 13.11 12.93
C VAL B 217 28.62 14.26 11.96
N LYS B 218 29.20 14.13 10.77
CA LYS B 218 29.09 15.11 9.72
C LYS B 218 27.99 14.69 8.74
N ILE B 219 27.01 15.56 8.55
CA ILE B 219 25.77 15.27 7.83
C ILE B 219 25.75 16.10 6.56
N PRO B 220 25.55 15.50 5.37
CA PRO B 220 25.35 16.31 4.16
C PRO B 220 24.24 17.33 4.35
N SER B 221 24.33 18.43 3.59
CA SER B 221 23.38 19.51 3.75
C SER B 221 21.99 19.15 3.22
N TYR B 222 21.86 18.11 2.41
CA TYR B 222 20.56 17.76 1.86
C TYR B 222 19.78 16.76 2.73
N TYR B 223 20.28 16.43 3.95
CA TYR B 223 19.49 15.76 4.98
C TYR B 223 19.31 16.69 6.18
N PRO B 224 18.16 16.64 6.87
CA PRO B 224 17.94 17.56 7.99
C PRO B 224 18.87 17.28 9.16
N ASP B 225 19.42 18.34 9.75
CA ASP B 225 20.19 18.24 10.97
C ASP B 225 19.23 17.97 12.11
N HIS B 226 18.91 16.70 12.31
CA HIS B 226 17.84 16.30 13.20
C HIS B 226 18.27 15.01 13.87
N ASP B 227 17.77 14.77 15.08
CA ASP B 227 18.22 13.60 15.84
C ASP B 227 17.93 12.29 15.11
N ILE B 228 16.84 12.21 14.35
CA ILE B 228 16.55 11.00 13.60
C ILE B 228 17.65 10.74 12.58
N THR B 229 18.01 11.77 11.82
CA THR B 229 19.09 11.68 10.84
C THR B 229 20.40 11.24 11.50
N ARG B 230 20.79 11.90 12.58
CA ARG B 230 22.10 11.63 13.20
C ARG B 230 22.16 10.25 13.83
N ARG B 231 21.05 9.76 14.39
CA ARG B 231 21.05 8.42 14.97
C ARG B 231 21.21 7.37 13.88
N ASP B 232 20.42 7.47 12.81
CA ASP B 232 20.57 6.59 11.65
C ASP B 232 21.97 6.69 11.07
N TRP B 233 22.53 7.90 11.02
CA TRP B 233 23.86 8.08 10.42
C TRP B 233 24.95 7.57 11.33
N ALA B 234 24.79 7.67 12.65
CA ALA B 234 25.79 7.08 13.55
C ALA B 234 25.85 5.57 13.36
N LEU B 235 24.69 4.92 13.19
CA LEU B 235 24.68 3.46 13.01
C LEU B 235 25.25 3.05 11.67
N TYR B 236 25.07 3.88 10.62
CA TYR B 236 25.72 3.61 9.35
C TYR B 236 27.23 3.56 9.53
N LEU B 237 27.77 4.55 10.25
CA LEU B 237 29.21 4.59 10.47
C LEU B 237 29.67 3.49 11.39
N GLU B 238 28.83 3.06 12.35
CA GLU B 238 29.21 1.92 13.17
C GLU B 238 29.18 0.62 12.36
N THR B 239 28.37 0.57 11.30
CA THR B 239 28.41 -0.60 10.41
C THR B 239 29.67 -0.57 9.55
N ILE B 240 30.22 0.62 9.26
CA ILE B 240 31.52 0.68 8.62
C ILE B 240 32.61 0.22 9.57
N GLN B 241 32.51 0.60 10.87
CA GLN B 241 33.47 0.09 11.86
C GLN B 241 33.41 -1.43 11.95
N THR B 242 32.22 -2.01 11.89
CA THR B 242 32.07 -3.47 11.93
C THR B 242 32.78 -4.14 10.75
N VAL B 243 32.55 -3.65 9.52
CA VAL B 243 33.19 -4.30 8.36
C VAL B 243 34.70 -4.04 8.35
N ASP B 244 35.15 -2.91 8.89
CA ASP B 244 36.58 -2.67 9.08
C ASP B 244 37.24 -3.74 9.93
N GLN B 245 36.57 -4.15 11.02
CA GLN B 245 37.10 -5.23 11.86
C GLN B 245 37.19 -6.50 11.05
N LYS B 246 36.18 -6.80 10.25
CA LYS B 246 36.19 -8.03 9.46
C LYS B 246 37.28 -7.98 8.40
N VAL B 247 37.50 -6.80 7.82
CA VAL B 247 38.58 -6.68 6.85
C VAL B 247 39.92 -6.91 7.54
N GLY B 248 40.10 -6.32 8.72
CA GLY B 248 41.28 -6.64 9.53
C GLY B 248 41.44 -8.13 9.79
N ASN B 249 40.34 -8.81 10.12
CA ASN B 249 40.38 -10.25 10.40
C ASN B 249 40.72 -11.05 9.14
N LEU B 250 40.23 -10.60 7.98
CA LEU B 250 40.55 -11.30 6.73
C LEU B 250 42.04 -11.21 6.42
N PHE B 251 42.61 -10.00 6.52
CA PHE B 251 44.02 -9.82 6.20
C PHE B 251 44.92 -10.55 7.20
N SER B 252 44.47 -10.72 8.45
CA SER B 252 45.21 -11.58 9.37
C SER B 252 45.10 -13.04 8.96
N GLU B 253 43.97 -13.45 8.39
CA GLU B 253 43.84 -14.82 7.89
C GLU B 253 44.71 -15.05 6.68
N LEU B 254 44.82 -14.05 5.80
CA LEU B 254 45.55 -14.23 4.55
C LEU B 254 47.05 -14.26 4.82
N GLU B 255 47.52 -13.39 5.73
CA GLU B 255 48.95 -13.34 6.05
C GLU B 255 49.41 -14.64 6.69
N LYS B 256 48.57 -15.25 7.53
CA LYS B 256 48.82 -16.58 8.09
C LYS B 256 48.62 -17.70 7.07
N ALA B 257 48.07 -17.40 5.89
CA ALA B 257 48.09 -18.32 4.77
C ALA B 257 49.39 -18.25 4.00
N GLY B 258 50.12 -17.15 4.11
CA GLY B 258 51.29 -16.92 3.29
C GLY B 258 50.99 -16.53 1.87
N VAL B 259 49.77 -16.06 1.58
CA VAL B 259 49.42 -15.68 0.23
C VAL B 259 49.41 -14.17 0.03
N LEU B 260 49.62 -13.39 1.08
CA LEU B 260 49.65 -11.93 0.93
C LEU B 260 50.86 -11.44 0.16
N GLU B 261 52.00 -12.13 0.27
CA GLU B 261 53.22 -11.66 -0.35
C GLU B 261 53.07 -11.52 -1.87
N ASN B 262 52.29 -12.39 -2.51
CA ASN B 262 52.10 -12.31 -3.95
C ASN B 262 50.65 -12.05 -4.32
N THR B 263 50.05 -11.00 -3.76
CA THR B 263 48.65 -10.66 -4.03
C THR B 263 48.49 -9.16 -4.18
N ILE B 264 47.65 -8.76 -5.15
CA ILE B 264 47.20 -7.38 -5.30
C ILE B 264 45.73 -7.36 -4.94
N VAL B 265 45.33 -6.40 -4.12
CA VAL B 265 43.97 -6.30 -3.64
C VAL B 265 43.38 -4.98 -4.11
N PHE B 266 42.23 -5.05 -4.77
CA PHE B 266 41.36 -3.93 -5.00
C PHE B 266 40.29 -3.98 -3.92
N ILE B 267 40.17 -2.91 -3.15
CA ILE B 267 39.12 -2.75 -2.14
C ILE B 267 38.24 -1.60 -2.63
N PHE B 268 36.93 -1.85 -2.79
CA PHE B 268 36.05 -0.81 -3.32
C PHE B 268 34.58 -1.09 -2.99
N GLY B 269 33.80 -0.02 -2.85
CA GLY B 269 32.36 -0.16 -2.75
C GLY B 269 31.73 -0.36 -4.12
N ASP B 270 30.59 -1.06 -4.15
CA ASP B 270 29.90 -1.20 -5.43
C ASP B 270 29.18 0.07 -5.82
N HIS B 271 28.79 0.88 -4.84
CA HIS B 271 28.17 2.18 -5.09
C HIS B 271 28.06 2.86 -3.73
N GLY B 272 27.62 4.12 -3.74
CA GLY B 272 27.57 4.93 -2.54
C GLY B 272 26.59 4.45 -1.48
N ARG B 273 26.59 5.20 -0.37
CA ARG B 273 25.93 4.80 0.88
C ARG B 273 24.42 4.65 0.72
N ALA B 274 23.84 3.79 1.56
CA ALA B 274 22.40 3.55 1.62
C ALA B 274 21.72 4.67 2.43
N MET B 275 21.69 5.84 1.82
CA MET B 275 20.95 6.99 2.33
C MET B 275 20.14 7.58 1.19
N LEU B 276 19.08 8.32 1.58
CA LEU B 276 17.94 8.63 0.72
C LEU B 276 18.31 9.22 -0.63
N ARG B 277 19.13 10.28 -0.66
CA ARG B 277 19.54 10.88 -1.92
C ARG B 277 20.84 10.33 -2.47
N ASP B 278 21.36 9.26 -1.89
CA ASP B 278 22.64 8.76 -2.33
C ASP B 278 22.42 7.55 -3.23
N LYS B 279 22.37 6.37 -2.63
CA LYS B 279 21.97 5.16 -3.33
C LYS B 279 20.73 5.40 -4.21
N GLN B 280 20.78 4.79 -5.40
CA GLN B 280 19.82 4.86 -6.50
C GLN B 280 20.03 6.07 -7.38
N TRP B 281 20.61 7.14 -6.85
CA TRP B 281 20.70 8.40 -7.58
C TRP B 281 22.13 8.65 -8.06
N LEU B 282 22.28 9.63 -8.96
CA LEU B 282 23.53 9.84 -9.69
C LEU B 282 24.34 11.03 -9.17
N TYR B 283 23.96 11.61 -8.03
CA TYR B 283 24.84 12.52 -7.30
C TYR B 283 26.07 11.77 -6.81
N ASP B 284 27.06 12.52 -6.33
CA ASP B 284 28.31 11.90 -5.88
C ASP B 284 28.06 10.97 -4.71
N GLY B 285 27.04 11.27 -3.89
CA GLY B 285 26.73 10.39 -2.77
C GLY B 285 26.37 8.99 -3.22
N GLY B 286 25.76 8.85 -4.40
CA GLY B 286 25.40 7.54 -4.90
C GLY B 286 26.48 6.84 -5.70
N LEU B 287 27.38 7.60 -6.32
CA LEU B 287 28.37 7.12 -7.28
C LEU B 287 29.80 7.04 -6.74
N ARG B 288 30.24 7.99 -5.92
CA ARG B 288 31.65 7.96 -5.52
C ARG B 288 31.86 6.93 -4.44
N VAL B 289 32.89 6.11 -4.61
CA VAL B 289 33.11 4.97 -3.73
C VAL B 289 34.57 4.91 -3.30
N PRO B 290 34.85 4.34 -2.13
CA PRO B 290 36.24 4.10 -1.76
C PRO B 290 36.88 3.13 -2.75
N LEU B 291 38.13 3.41 -3.10
CA LEU B 291 38.91 2.52 -3.95
C LEU B 291 40.37 2.57 -3.48
N ILE B 292 40.86 1.45 -3.00
CA ILE B 292 42.22 1.29 -2.50
C ILE B 292 42.87 0.17 -3.29
N VAL B 293 44.10 0.40 -3.74
CA VAL B 293 44.88 -0.62 -4.41
C VAL B 293 46.12 -0.89 -3.56
N TRP B 294 46.37 -2.17 -3.28
CA TRP B 294 47.30 -2.55 -2.22
C TRP B 294 48.01 -3.84 -2.58
N GLY B 295 49.28 -3.92 -2.20
CA GLY B 295 50.01 -5.17 -2.17
C GLY B 295 51.15 -5.19 -3.17
N LYS B 296 51.29 -6.35 -3.84
CA LYS B 296 52.44 -6.74 -4.65
C LYS B 296 52.87 -5.67 -5.65
N GLY B 297 54.00 -5.02 -5.36
CA GLY B 297 54.56 -4.01 -6.23
C GLY B 297 53.97 -2.63 -6.07
N ILE B 298 52.90 -2.48 -5.29
CA ILE B 298 52.19 -1.21 -5.16
C ILE B 298 52.94 -0.35 -4.16
N GLU B 299 53.49 0.77 -4.64
CA GLU B 299 54.14 1.71 -3.72
C GLU B 299 53.13 2.21 -2.70
N SER B 300 53.63 2.53 -1.51
CA SER B 300 52.80 2.96 -0.39
C SER B 300 52.70 4.49 -0.35
N ASN B 301 51.74 4.97 0.44
CA ASN B 301 51.53 6.41 0.70
C ASN B 301 51.29 7.20 -0.58
N GLN B 302 50.62 6.61 -1.56
CA GLN B 302 50.16 7.33 -2.74
C GLN B 302 48.68 7.69 -2.62
N VAL B 303 48.33 8.84 -3.16
CA VAL B 303 46.95 9.29 -3.26
C VAL B 303 46.71 9.65 -4.71
N ASN B 304 45.61 9.16 -5.27
CA ASN B 304 45.32 9.38 -6.67
C ASN B 304 44.05 10.23 -6.80
N ASN B 305 44.13 11.27 -7.62
CA ASN B 305 43.00 12.16 -7.82
C ASN B 305 42.51 12.17 -9.27
N GLU B 306 42.84 11.15 -10.05
CA GLU B 306 42.35 11.01 -11.41
C GLU B 306 41.00 10.31 -11.44
N LEU B 307 40.22 10.59 -12.48
CA LEU B 307 38.94 9.93 -12.70
C LEU B 307 39.14 8.44 -12.95
N VAL B 308 38.48 7.62 -12.14
CA VAL B 308 38.42 6.15 -12.26
C VAL B 308 36.96 5.74 -12.18
N SER B 309 36.51 4.96 -13.15
CA SER B 309 35.17 4.38 -13.10
C SER B 309 35.33 2.90 -12.78
N LEU B 310 34.36 2.34 -12.04
CA LEU B 310 34.52 0.96 -11.59
C LEU B 310 34.62 -0.03 -12.74
N ILE B 311 34.12 0.33 -13.92
CA ILE B 311 34.38 -0.52 -15.07
C ILE B 311 35.84 -0.52 -15.46
N ASP B 312 36.67 0.33 -14.84
CA ASP B 312 38.10 0.32 -15.12
C ASP B 312 38.83 -0.76 -14.36
N VAL B 313 38.19 -1.36 -13.35
CA VAL B 313 38.89 -2.32 -12.49
C VAL B 313 39.21 -3.60 -13.27
N MET B 314 38.27 -4.11 -14.06
CA MET B 314 38.58 -5.32 -14.84
C MET B 314 39.73 -5.10 -15.81
N PRO B 315 39.73 -4.10 -16.67
CA PRO B 315 40.87 -3.98 -17.61
C PRO B 315 42.19 -3.79 -16.87
N THR B 316 42.19 -3.03 -15.76
CA THR B 316 43.42 -2.85 -14.98
C THR B 316 43.87 -4.17 -14.37
N THR B 317 42.93 -5.00 -13.92
CA THR B 317 43.27 -6.33 -13.40
C THR B 317 43.86 -7.21 -14.50
N LEU B 318 43.22 -7.22 -15.66
CA LEU B 318 43.75 -7.90 -16.85
C LEU B 318 45.20 -7.51 -17.10
N ASP B 319 45.47 -6.20 -17.22
CA ASP B 319 46.82 -5.68 -17.47
C ASP B 319 47.79 -6.12 -16.37
N LEU B 320 47.38 -6.01 -15.11
CA LEU B 320 48.24 -6.44 -14.01
C LEU B 320 48.63 -7.91 -14.14
N VAL B 321 47.78 -8.72 -14.74
CA VAL B 321 48.03 -10.15 -14.87
C VAL B 321 48.63 -10.48 -16.24
N GLY B 322 49.02 -9.45 -16.99
CA GLY B 322 49.70 -9.65 -18.25
C GLY B 322 48.82 -10.01 -19.42
N LEU B 323 47.52 -9.72 -19.34
CA LEU B 323 46.61 -9.98 -20.46
C LEU B 323 46.42 -8.72 -21.28
N LYS B 324 46.17 -8.90 -22.57
CA LYS B 324 45.73 -7.80 -23.41
C LYS B 324 44.26 -7.54 -23.16
N VAL B 325 43.86 -6.29 -23.17
CA VAL B 325 42.46 -5.90 -23.02
C VAL B 325 41.85 -5.80 -24.42
N PRO B 326 40.87 -6.62 -24.76
CA PRO B 326 40.25 -6.52 -26.09
C PRO B 326 39.67 -5.13 -26.32
N ASP B 327 39.61 -4.74 -27.60
CA ASP B 327 39.21 -3.39 -27.96
C ASP B 327 37.80 -3.06 -27.50
N TYR B 328 36.93 -4.06 -27.39
CA TYR B 328 35.54 -3.76 -27.07
C TYR B 328 35.36 -3.21 -25.66
N VAL B 329 36.24 -3.54 -24.71
CA VAL B 329 35.99 -3.18 -23.31
C VAL B 329 35.96 -1.68 -23.18
N GLU B 330 34.95 -1.16 -22.49
CA GLU B 330 34.86 0.29 -22.34
C GLU B 330 35.74 0.82 -21.22
N GLY B 331 35.97 0.02 -20.16
CA GLY B 331 36.78 0.50 -19.05
C GLY B 331 38.21 0.81 -19.46
N HIS B 332 38.84 1.72 -18.71
CA HIS B 332 40.23 2.12 -18.91
C HIS B 332 41.15 1.36 -17.96
N ILE B 333 42.37 1.07 -18.43
CA ILE B 333 43.45 0.70 -17.52
C ILE B 333 43.88 1.96 -16.77
N PHE B 334 43.95 1.87 -15.45
CA PHE B 334 44.19 3.11 -14.71
C PHE B 334 45.49 3.11 -13.92
N LEU B 335 46.26 2.04 -14.01
CA LEU B 335 47.47 1.85 -13.23
C LEU B 335 48.55 1.30 -14.14
N GLY B 336 49.77 1.77 -13.96
CA GLY B 336 50.89 1.19 -14.67
C GLY B 336 51.21 1.91 -15.98
N LYS B 337 52.16 1.33 -16.71
CA LYS B 337 52.62 1.96 -17.94
C LYS B 337 51.51 2.08 -18.97
N ASN B 338 50.60 1.11 -19.01
CA ASN B 338 49.51 1.07 -20.00
C ASN B 338 48.28 1.88 -19.56
N LYS B 339 48.39 2.68 -18.51
CA LYS B 339 47.32 3.56 -18.04
C LYS B 339 46.74 4.37 -19.20
N GLN B 340 45.44 4.64 -19.15
CA GLN B 340 44.79 5.48 -20.15
C GLN B 340 43.83 6.42 -19.43
N LYS B 341 44.16 7.71 -19.45
CA LYS B 341 43.44 8.70 -18.65
C LYS B 341 42.02 8.92 -19.16
N ARG B 342 41.12 9.30 -18.24
CA ARG B 342 39.74 9.56 -18.58
C ARG B 342 39.46 11.06 -18.66
N ASP B 343 38.67 11.44 -19.67
CA ASP B 343 38.07 12.76 -19.72
C ASP B 343 36.82 12.80 -18.83
N TYR B 344 36.05 11.72 -18.85
CA TYR B 344 34.76 11.64 -18.19
C TYR B 344 34.55 10.24 -17.60
N ILE B 345 33.62 10.15 -16.64
CA ILE B 345 32.99 8.90 -16.25
C ILE B 345 31.49 9.02 -16.48
N TYR B 346 30.81 7.88 -16.59
CA TYR B 346 29.41 7.83 -16.96
C TYR B 346 28.64 6.99 -15.95
N ALA B 347 27.33 7.23 -15.88
CA ALA B 347 26.46 6.47 -14.99
C ALA B 347 25.01 6.60 -15.47
N HIS B 348 24.21 5.62 -15.05
CA HIS B 348 22.83 5.51 -15.50
C HIS B 348 21.97 5.14 -14.31
N LYS B 349 20.69 5.48 -14.44
CA LYS B 349 19.63 5.06 -13.54
C LYS B 349 18.46 4.71 -14.44
N ASP B 350 18.04 3.44 -14.42
CA ASP B 350 16.87 3.09 -15.21
C ASP B 350 15.84 2.56 -14.21
N ARG B 351 15.18 1.44 -14.47
CA ARG B 351 14.22 0.98 -13.46
C ARG B 351 14.96 0.45 -12.24
N THR B 352 14.47 0.83 -11.05
CA THR B 352 15.01 0.28 -9.80
C THR B 352 13.86 -0.31 -9.01
N ASP B 353 13.88 -1.62 -8.84
CA ASP B 353 12.79 -2.37 -8.23
C ASP B 353 11.54 -2.12 -9.06
N GLU B 354 10.47 -1.59 -8.50
CA GLU B 354 9.27 -1.24 -9.24
C GLU B 354 9.33 0.16 -9.84
N THR B 355 10.34 0.96 -9.48
CA THR B 355 10.34 2.38 -9.78
C THR B 355 10.98 2.61 -11.14
N ASP B 356 10.22 3.17 -12.08
CA ASP B 356 10.72 3.34 -13.42
C ASP B 356 11.29 4.74 -13.56
N ASP B 357 12.41 4.83 -14.26
CA ASP B 357 13.09 6.10 -14.41
C ASP B 357 14.03 5.95 -15.58
N ARG B 358 14.63 7.08 -15.95
CA ARG B 358 15.55 7.10 -17.08
C ARG B 358 16.45 8.31 -16.84
N VAL B 359 17.62 8.07 -16.26
CA VAL B 359 18.54 9.13 -15.87
C VAL B 359 19.94 8.75 -16.34
N ARG B 360 20.68 9.75 -16.79
CA ARG B 360 22.06 9.58 -17.24
C ARG B 360 22.92 10.67 -16.62
N ALA B 361 24.18 10.33 -16.35
CA ALA B 361 25.12 11.28 -15.79
C ALA B 361 26.45 11.21 -16.54
N VAL B 362 27.11 12.37 -16.56
CA VAL B 362 28.46 12.53 -17.09
C VAL B 362 29.22 13.38 -16.09
N ARG B 363 30.44 12.99 -15.76
CA ARG B 363 31.25 13.70 -14.78
C ARG B 363 32.70 13.77 -15.25
N ASN B 364 33.24 14.99 -15.27
CA ASN B 364 34.67 15.17 -15.33
C ASN B 364 35.15 15.44 -13.91
N LEU B 365 36.37 15.94 -13.75
CA LEU B 365 36.89 16.11 -12.40
C LEU B 365 36.12 17.16 -11.63
N ARG B 366 35.56 18.14 -12.33
CA ARG B 366 34.91 19.29 -11.72
C ARG B 366 33.39 19.23 -11.80
N PHE B 367 32.83 18.95 -12.97
CA PHE B 367 31.41 19.16 -13.21
C PHE B 367 30.66 17.83 -13.26
N LYS B 368 29.44 17.85 -12.70
CA LYS B 368 28.49 16.78 -12.82
C LYS B 368 27.34 17.24 -13.70
N TYR B 369 27.03 16.46 -14.73
CA TYR B 369 25.89 16.73 -15.59
C TYR B 369 24.93 15.56 -15.45
N ILE B 370 23.65 15.87 -15.26
CA ILE B 370 22.60 14.87 -15.08
C ILE B 370 21.41 15.26 -15.94
N LYS B 371 20.92 14.30 -16.74
CA LYS B 371 19.74 14.48 -17.56
C LYS B 371 18.64 13.55 -17.08
N ASN B 372 17.52 14.12 -16.67
CA ASN B 372 16.33 13.36 -16.35
C ASN B 372 15.50 13.27 -17.63
N PHE B 373 15.40 12.06 -18.19
CA PHE B 373 14.64 11.86 -19.42
C PHE B 373 13.13 11.87 -19.18
N TYR B 374 12.69 11.62 -17.94
CA TYR B 374 11.27 11.72 -17.56
C TYR B 374 11.09 12.86 -16.59
N PRO B 375 11.17 14.13 -17.03
CA PRO B 375 11.15 15.24 -16.07
C PRO B 375 9.85 15.35 -15.29
N GLU B 376 8.77 14.72 -15.77
CA GLU B 376 7.51 14.79 -15.07
C GLU B 376 7.44 13.88 -13.85
N LYS B 377 8.37 12.91 -13.71
CA LYS B 377 8.37 12.03 -12.55
C LYS B 377 9.06 12.71 -11.38
N PRO B 378 8.49 12.67 -10.18
CA PRO B 378 9.20 13.23 -9.02
C PRO B 378 10.44 12.39 -8.69
N TYR B 379 11.38 13.03 -8.01
CA TYR B 379 12.48 12.29 -7.39
C TYR B 379 11.93 11.25 -6.42
N ASN B 380 11.06 11.70 -5.51
CA ASN B 380 10.40 10.84 -4.53
C ASN B 380 9.33 9.95 -5.14
N ASP B 381 9.57 9.41 -6.33
CA ASP B 381 8.66 8.44 -6.92
C ASP B 381 8.62 7.20 -6.03
N PHE B 382 7.43 6.61 -5.85
CA PHE B 382 7.27 5.55 -4.87
C PHE B 382 8.23 4.39 -5.11
N ASN B 383 8.97 4.01 -4.08
CA ASN B 383 9.92 2.91 -4.09
C ASN B 383 9.85 2.23 -2.72
N ALA B 384 9.37 0.98 -2.69
CA ALA B 384 9.12 0.31 -1.42
C ALA B 384 10.37 0.24 -0.56
N TYR B 385 11.50 -0.09 -1.18
CA TYR B 385 12.75 -0.23 -0.44
C TYR B 385 13.04 1.03 0.37
N LYS B 386 12.99 2.20 -0.28
CA LYS B 386 13.31 3.45 0.43
C LYS B 386 12.34 3.67 1.58
N HIS B 387 11.03 3.54 1.32
CA HIS B 387 10.04 3.72 2.38
C HIS B 387 10.20 2.68 3.49
N LEU B 388 10.52 1.45 3.13
CA LEU B 388 10.61 0.38 4.11
C LEU B 388 11.84 0.49 5.01
N GLN B 389 13.00 0.91 4.48
CA GLN B 389 14.24 0.77 5.23
CA GLN B 389 14.24 0.76 5.23
C GLN B 389 14.87 2.09 5.64
N TYR B 390 14.31 3.22 5.23
CA TYR B 390 14.97 4.51 5.44
C TYR B 390 14.21 5.42 6.38
N PRO B 391 14.61 5.54 7.63
CA PRO B 391 13.88 6.42 8.55
C PRO B 391 13.86 7.87 8.12
N VAL B 392 14.90 8.34 7.44
CA VAL B 392 14.99 9.75 7.09
C VAL B 392 13.94 10.15 6.05
N LEU B 393 13.50 9.19 5.23
CA LEU B 393 12.45 9.49 4.25
C LEU B 393 11.16 9.89 4.94
N ALA B 394 10.79 9.15 6.01
CA ALA B 394 9.62 9.56 6.78
C ALA B 394 9.89 10.88 7.50
N LEU B 395 11.11 11.05 8.03
CA LEU B 395 11.43 12.35 8.62
C LEU B 395 11.22 13.46 7.62
N MET B 396 11.70 13.29 6.37
CA MET B 396 11.63 14.41 5.44
C MET B 396 10.22 14.62 4.88
N GLU B 397 9.44 13.56 4.68
CA GLU B 397 8.05 13.77 4.29
C GLU B 397 7.27 14.47 5.39
N SER B 398 7.57 14.16 6.66
CA SER B 398 6.94 14.87 7.78
C SER B 398 7.33 16.34 7.78
N MET B 399 8.63 16.63 7.65
CA MET B 399 9.10 18.02 7.71
C MET B 399 8.66 18.79 6.47
N HIS B 400 8.67 18.14 5.30
CA HIS B 400 8.21 18.80 4.09
C HIS B 400 6.74 19.22 4.20
N ALA B 401 5.87 18.33 4.71
CA ALA B 401 4.46 18.71 4.86
C ALA B 401 4.29 19.91 5.78
N LYS B 402 5.15 20.04 6.79
CA LYS B 402 5.12 21.17 7.70
C LYS B 402 5.91 22.35 7.18
N LYS B 403 6.48 22.23 5.99
CA LYS B 403 7.37 23.23 5.41
C LYS B 403 8.52 23.57 6.36
N LEU B 404 9.18 22.53 6.88
CA LEU B 404 10.34 22.67 7.75
C LEU B 404 11.66 22.35 7.05
N LEU B 405 11.64 21.95 5.79
CA LEU B 405 12.90 21.67 5.13
C LEU B 405 13.61 22.96 4.72
N THR B 406 14.94 22.90 4.73
CA THR B 406 15.71 23.95 4.09
C THR B 406 15.53 23.87 2.57
N HIS B 407 16.00 24.89 1.88
CA HIS B 407 15.86 24.91 0.42
C HIS B 407 16.56 23.71 -0.21
N GLU B 408 17.78 23.40 0.25
CA GLU B 408 18.56 22.29 -0.29
C GLU B 408 17.88 20.95 -0.04
N GLN B 409 17.30 20.77 1.15
CA GLN B 409 16.68 19.51 1.46
C GLN B 409 15.37 19.33 0.70
N ALA B 410 14.65 20.42 0.44
CA ALA B 410 13.36 20.31 -0.24
C ALA B 410 13.49 20.08 -1.75
N LEU B 411 14.67 20.28 -2.35
CA LEU B 411 14.84 20.03 -3.78
C LEU B 411 14.37 18.62 -4.18
N PHE B 412 14.73 17.63 -3.37
CA PHE B 412 14.34 16.23 -3.63
C PHE B 412 12.83 16.03 -3.57
N PHE B 413 12.07 16.94 -2.97
CA PHE B 413 10.64 16.71 -2.78
C PHE B 413 9.78 17.57 -3.69
N ALA B 414 10.34 18.00 -4.82
CA ALA B 414 9.56 18.73 -5.82
C ALA B 414 8.66 17.76 -6.61
N PRO B 415 7.52 18.24 -7.11
CA PRO B 415 6.63 17.33 -7.84
C PRO B 415 7.17 16.90 -9.19
N ASN B 416 8.17 17.61 -9.72
CA ASN B 416 8.78 17.23 -10.99
C ASN B 416 10.26 17.64 -10.96
N ARG B 417 10.98 17.29 -12.02
CA ARG B 417 12.40 17.53 -12.13
C ARG B 417 12.70 18.45 -13.30
N PRO B 418 13.76 19.26 -13.21
CA PRO B 418 14.33 19.85 -14.42
C PRO B 418 14.97 18.77 -15.28
N GLN B 419 14.92 18.95 -16.59
CA GLN B 419 15.44 17.90 -17.46
C GLN B 419 16.96 17.79 -17.35
N GLU B 420 17.65 18.88 -17.04
CA GLU B 420 19.10 18.81 -16.90
C GLU B 420 19.53 19.39 -15.56
N GLU B 421 20.57 18.79 -14.97
CA GLU B 421 21.20 19.30 -13.76
C GLU B 421 22.70 19.42 -14.02
N LEU B 422 23.30 20.49 -13.51
CA LEU B 422 24.73 20.73 -13.68
C LEU B 422 25.29 21.28 -12.38
N TYR B 423 26.33 20.65 -11.85
CA TYR B 423 26.89 21.08 -10.57
C TYR B 423 28.39 21.29 -10.68
N ASP B 424 28.86 22.39 -10.08
CA ASP B 424 30.28 22.69 -9.95
C ASP B 424 30.71 22.08 -8.62
N THR B 425 31.12 20.82 -8.66
CA THR B 425 31.44 20.10 -7.43
C THR B 425 32.63 20.70 -6.66
N PHE B 426 33.45 21.56 -7.29
CA PHE B 426 34.49 22.27 -6.56
C PHE B 426 33.89 23.33 -5.64
N ASN B 427 32.81 23.97 -6.06
CA ASN B 427 32.15 25.00 -5.28
C ASN B 427 30.95 24.47 -4.51
N ASP B 428 30.53 23.25 -4.80
CA ASP B 428 29.22 22.74 -4.40
C ASP B 428 29.32 21.22 -4.30
N PRO B 429 30.12 20.72 -3.35
CA PRO B 429 30.29 19.26 -3.25
C PRO B 429 29.00 18.49 -2.91
N ASP B 430 28.04 19.11 -2.22
CA ASP B 430 26.76 18.43 -1.95
C ASP B 430 25.80 18.54 -3.13
N GLU B 431 26.21 19.17 -4.23
CA GLU B 431 25.40 19.26 -5.44
C GLU B 431 23.96 19.62 -5.11
N VAL B 432 23.79 20.84 -4.58
CA VAL B 432 22.49 21.37 -4.24
C VAL B 432 22.16 22.65 -5.01
N ASN B 433 23.09 23.18 -5.79
CA ASN B 433 22.87 24.41 -6.53
C ASN B 433 22.97 24.11 -8.01
N ASN B 434 21.82 23.81 -8.64
CA ASN B 434 21.79 23.39 -10.04
C ASN B 434 22.12 24.58 -10.94
N LEU B 435 23.21 24.46 -11.70
CA LEU B 435 23.66 25.57 -12.55
C LEU B 435 23.03 25.58 -13.93
N ALA B 436 22.10 24.65 -14.22
CA ALA B 436 21.73 24.37 -15.60
C ALA B 436 20.92 25.48 -16.23
N LEU B 437 20.29 26.33 -15.44
CA LEU B 437 19.63 27.51 -15.97
C LEU B 437 20.46 28.76 -15.82
N ASN B 438 21.67 28.65 -15.28
CA ASN B 438 22.57 29.78 -15.11
C ASN B 438 23.32 29.98 -16.42
N LYS B 439 23.03 31.09 -17.11
CA LYS B 439 23.74 31.39 -18.35
C LYS B 439 25.25 31.39 -18.15
N ASN B 440 25.73 31.65 -16.94
CA ASN B 440 27.17 31.66 -16.72
C ASN B 440 27.82 30.30 -16.94
N TYR B 441 27.02 29.23 -17.07
CA TYR B 441 27.55 27.90 -17.28
C TYR B 441 26.97 27.23 -18.53
N GLU B 442 26.34 27.99 -19.42
CA GLU B 442 25.68 27.35 -20.55
C GLU B 442 26.67 26.63 -21.44
N GLU B 443 27.89 27.16 -21.58
CA GLU B 443 28.90 26.53 -22.41
C GLU B 443 29.28 25.16 -21.88
N GLN B 444 29.54 25.06 -20.57
CA GLN B 444 29.78 23.75 -19.97
C GLN B 444 28.55 22.85 -20.10
N LEU B 445 27.37 23.40 -19.83
CA LEU B 445 26.12 22.65 -20.03
C LEU B 445 26.10 21.98 -21.40
N LEU B 446 26.33 22.77 -22.46
CA LEU B 446 26.23 22.23 -23.82
C LEU B 446 27.32 21.22 -24.11
N THR B 447 28.53 21.44 -23.59
CA THR B 447 29.62 20.48 -23.77
C THR B 447 29.26 19.10 -23.24
N MET B 448 28.70 19.05 -22.03
CA MET B 448 28.41 17.76 -21.44
C MET B 448 27.12 17.15 -22.00
N ARG B 449 26.13 17.99 -22.29
CA ARG B 449 24.96 17.50 -23.01
C ARG B 449 25.37 16.77 -24.28
N LYS B 450 26.26 17.40 -25.06
CA LYS B 450 26.70 16.77 -26.30
C LYS B 450 27.55 15.54 -26.01
N GLU B 451 28.38 15.57 -24.94
CA GLU B 451 29.13 14.37 -24.59
C GLU B 451 28.20 13.21 -24.20
N LEU B 452 27.07 13.50 -23.53
CA LEU B 452 26.10 12.45 -23.23
C LEU B 452 25.55 11.81 -24.51
N GLN B 453 25.16 12.64 -25.49
CA GLN B 453 24.64 12.08 -26.74
C GLN B 453 25.69 11.21 -27.46
N ARG B 454 26.90 11.74 -27.64
CA ARG B 454 27.96 10.93 -28.26
C ARG B 454 28.12 9.59 -27.55
N TRP B 455 28.18 9.62 -26.22
CA TRP B 455 28.38 8.38 -25.47
C TRP B 455 27.24 7.40 -25.69
N GLN B 456 26.01 7.89 -25.63
CA GLN B 456 24.84 7.03 -25.81
C GLN B 456 24.84 6.43 -27.20
N LYS B 457 25.14 7.25 -28.23
CA LYS B 457 25.24 6.73 -29.57
C LYS B 457 26.37 5.73 -29.70
N ALA B 458 27.55 6.06 -29.17
CA ALA B 458 28.70 5.17 -29.29
C ALA B 458 28.50 3.85 -28.55
N THR B 459 27.71 3.81 -27.47
CA THR B 459 27.52 2.57 -26.73
C THR B 459 26.18 1.92 -27.03
N ASN B 460 25.39 2.49 -27.93
CA ASN B 460 24.05 1.97 -28.22
C ASN B 460 23.32 1.65 -26.90
N ASP B 461 23.29 2.65 -26.01
CA ASP B 461 22.58 2.67 -24.73
C ASP B 461 21.27 1.88 -24.80
N GLN B 462 21.25 0.66 -24.24
CA GLN B 462 20.03 -0.13 -24.27
C GLN B 462 18.97 0.36 -23.28
N GLY B 463 19.32 1.25 -22.35
CA GLY B 463 18.32 1.82 -21.47
C GLY B 463 17.32 2.71 -22.19
N MET B 464 17.56 3.00 -23.46
CA MET B 464 16.69 3.83 -24.28
C MET B 464 15.56 3.04 -24.92
N ILE B 465 15.56 1.72 -24.78
CA ILE B 465 14.48 0.84 -25.23
C ILE B 465 13.61 0.47 -24.04
N ASP B 466 12.28 0.53 -24.22
CA ASP B 466 11.37 0.28 -23.11
C ASP B 466 11.32 -1.20 -22.74
N GLU B 467 11.22 -1.48 -21.45
CA GLU B 467 10.92 -2.83 -21.04
C GLU B 467 9.49 -3.14 -21.45
N THR B 468 9.18 -4.43 -21.57
CA THR B 468 7.84 -4.84 -21.94
C THR B 468 6.86 -4.57 -20.80
N PRO B 469 5.57 -4.47 -21.11
CA PRO B 469 4.56 -4.33 -20.05
C PRO B 469 4.57 -5.49 -19.08
N GLU B 470 4.69 -6.71 -19.61
CA GLU B 470 4.81 -7.89 -18.76
C GLU B 470 5.85 -7.68 -17.66
N VAL B 471 7.08 -7.32 -18.04
CA VAL B 471 8.15 -7.22 -17.05
C VAL B 471 7.83 -6.12 -16.05
N LYS B 472 7.41 -4.94 -16.53
CA LYS B 472 7.13 -3.83 -15.63
C LYS B 472 6.04 -4.18 -14.62
N GLU B 473 5.00 -4.87 -15.08
CA GLU B 473 3.89 -5.20 -14.20
C GLU B 473 4.26 -6.32 -13.25
N TYR B 474 5.17 -7.19 -13.67
CA TYR B 474 5.65 -8.22 -12.77
C TYR B 474 6.31 -7.59 -11.55
N TRP B 475 7.24 -6.66 -11.78
CA TRP B 475 8.01 -6.09 -10.68
C TRP B 475 7.14 -5.14 -9.85
N ASP B 476 6.24 -4.41 -10.52
CA ASP B 476 5.23 -3.65 -9.80
C ASP B 476 4.47 -4.55 -8.84
N ASP B 477 4.05 -5.73 -9.30
CA ASP B 477 3.33 -6.65 -8.43
C ASP B 477 4.25 -7.27 -7.38
N PHE B 478 5.51 -7.48 -7.74
CA PHE B 478 6.48 -8.02 -6.78
C PHE B 478 6.70 -7.04 -5.62
N PHE B 479 6.79 -5.74 -5.92
CA PHE B 479 7.27 -4.80 -4.89
C PHE B 479 6.18 -4.06 -4.16
N LYS B 480 5.11 -3.64 -4.86
CA LYS B 480 3.96 -3.06 -4.18
C LYS B 480 3.36 -4.05 -3.17
N LYS B 481 3.40 -5.36 -3.46
CA LYS B 481 3.04 -6.31 -2.42
C LYS B 481 4.08 -6.37 -1.30
N HIS B 482 5.38 -6.34 -1.63
CA HIS B 482 6.46 -6.40 -0.66
C HIS B 482 6.23 -5.34 0.41
N TYR B 483 5.80 -4.15 0.00
CA TYR B 483 5.57 -3.06 0.92
C TYR B 483 4.40 -3.34 1.87
N LEU B 484 3.22 -3.63 1.31
CA LEU B 484 2.03 -3.77 2.16
C LEU B 484 2.20 -4.90 3.17
N THR B 485 2.93 -5.96 2.84
CA THR B 485 3.06 -7.07 3.77
C THR B 485 4.12 -6.81 4.85
N GLN B 486 5.35 -6.45 4.42
CA GLN B 486 6.37 -6.01 5.38
C GLN B 486 5.86 -4.88 6.26
N MET B 487 5.01 -4.02 5.71
CA MET B 487 4.35 -3.01 6.53
C MET B 487 3.39 -3.66 7.52
N ARG B 488 2.48 -4.49 7.02
CA ARG B 488 1.51 -5.10 7.92
C ARG B 488 2.21 -6.00 8.94
N LEU B 489 3.28 -6.68 8.53
CA LEU B 489 4.12 -7.42 9.46
C LEU B 489 4.59 -6.53 10.60
N ARG B 490 5.00 -5.31 10.30
CA ARG B 490 5.32 -4.37 11.36
C ARG B 490 4.09 -3.86 12.06
N GLY B 491 2.92 -4.41 11.79
CA GLY B 491 1.72 -3.90 12.39
C GLY B 491 1.35 -2.50 11.97
N LEU B 492 1.81 -2.07 10.79
CA LEU B 492 1.61 -0.70 10.33
C LEU B 492 0.70 -0.64 9.11
N SER B 493 -0.01 0.46 8.97
CA SER B 493 -0.85 0.66 7.81
C SER B 493 -0.01 1.12 6.61
N PRO B 494 -0.27 0.59 5.42
CA PRO B 494 0.46 1.08 4.23
C PRO B 494 0.25 2.55 3.96
N LYS B 495 -0.84 3.10 4.45
CA LYS B 495 -1.11 4.52 4.31
C LYS B 495 -0.66 5.32 5.53
N ILE B 496 0.27 4.76 6.34
CA ILE B 496 0.61 5.38 7.61
C ILE B 496 1.19 6.77 7.35
N THR B 497 0.76 7.74 8.17
CA THR B 497 1.28 9.08 7.98
C THR B 497 2.76 9.12 8.36
N PRO B 498 3.53 10.04 7.74
CA PRO B 498 4.94 10.19 8.16
C PRO B 498 5.13 10.35 9.67
N ASP B 499 4.26 11.12 10.34
CA ASP B 499 4.44 11.35 11.76
C ASP B 499 4.22 10.08 12.56
N ASP B 500 3.27 9.24 12.14
CA ASP B 500 3.10 7.97 12.80
C ASP B 500 4.24 7.02 12.47
N TYR B 501 4.65 6.97 11.20
CA TYR B 501 5.83 6.18 10.85
C TYR B 501 7.04 6.57 11.71
N LEU B 502 7.15 7.87 12.04
CA LEU B 502 8.29 8.37 12.82
C LEU B 502 8.29 7.80 14.23
N ILE B 503 7.10 7.61 14.80
CA ILE B 503 6.99 6.93 16.09
C ILE B 503 7.62 5.55 16.00
N PHE B 504 7.32 4.83 14.93
CA PHE B 504 7.91 3.51 14.72
C PHE B 504 9.41 3.59 14.50
N TRP B 505 9.89 4.59 13.74
CA TRP B 505 11.31 4.65 13.42
C TRP B 505 12.14 4.96 14.66
N ASP B 506 11.65 5.88 15.51
CA ASP B 506 12.37 6.16 16.75
C ASP B 506 12.50 4.90 17.61
N LYS B 507 11.49 4.04 17.60
CA LYS B 507 11.59 2.77 18.33
C LYS B 507 12.50 1.79 17.62
N PHE B 508 12.42 1.74 16.29
CA PHE B 508 13.32 0.92 15.50
C PHE B 508 14.79 1.28 15.81
N LEU B 509 15.09 2.58 15.81
CA LEU B 509 16.47 3.00 16.03
C LEU B 509 16.92 2.66 17.44
N THR B 510 16.04 2.82 18.43
CA THR B 510 16.40 2.49 19.80
C THR B 510 16.70 1.01 19.93
N GLU B 511 15.86 0.14 19.36
CA GLU B 511 16.17 -1.28 19.38
C GLU B 511 17.50 -1.56 18.68
N GLN B 512 17.80 -0.84 17.59
CA GLN B 512 19.09 -1.00 16.95
C GLN B 512 20.23 -0.65 17.91
N GLY B 513 20.02 0.36 18.75
CA GLY B 513 21.01 0.72 19.74
C GLY B 513 21.57 2.11 19.54
N LYS B 514 20.71 3.07 19.20
CA LYS B 514 21.17 4.43 19.02
C LYS B 514 20.09 5.46 19.34
C1 GAL C . -18.17 -3.19 -1.73
C2 GAL C . -18.87 -3.43 -0.38
C3 GAL C . -17.98 -2.88 0.67
C4 GAL C . -16.59 -3.63 0.66
C5 GAL C . -16.01 -3.62 -0.76
C6 GAL C . -14.79 -4.52 -0.98
O1 GAL C . -18.98 -3.49 -2.83
O2 GAL C . -20.15 -2.79 -0.27
O3 GAL C . -18.58 -3.01 1.95
O4 GAL C . -16.73 -4.94 1.14
O5 GAL C . -16.99 -4.01 -1.76
O6 GAL C . -13.93 -4.02 -2.03
CA CA D . -25.14 -2.35 1.11
CA CA E . 25.03 -2.52 -3.18
C1 EDO F . 13.43 -11.10 -14.77
O1 EDO F . 13.06 -9.73 -15.03
C2 EDO F . 13.25 -11.84 -16.09
O2 EDO F . 13.19 -13.27 -15.90
#